data_1U9Z
#
_entry.id   1U9Z
#
_cell.length_a   71.260
_cell.length_b   138.250
_cell.length_c   138.400
_cell.angle_alpha   90.00
_cell.angle_beta   90.00
_cell.angle_gamma   90.00
#
_symmetry.space_group_name_H-M   'P 21 21 21'
#
loop_
_entity.id
_entity.type
_entity.pdbx_description
1 polymer 'Ribose-phosphate pyrophosphokinase'
2 non-polymer RIBOSE-5-PHOSPHATE
3 non-polymer 'ADENOSINE MONOPHOSPHATE'
4 water water
#
_entity_poly.entity_id   1
_entity_poly.type   'polypeptide(L)'
_entity_poly.pdbx_seq_one_letter_code
;MIVVSGSQSQNLAFKVAKLLNTKLTRVEYKRFPDNEIYVRIVDEINDDEAVIINTQKNQNDAIVETILLCDALRDEGVKK
ITLVAPYLAYARQDKKFNPGEAISIRALAKIYSNIVDKLITINPHETHIKDFFTIPFIYGDAVPKLAEYVKDKLNDPIVL
APDKGALEFAKTASKILNAEYDYLEKTRLSPTEIQIAPKTLDAKDRDVFIVDDIISTGGTMATAVKLLKEQGAKKIIAAC
VHPVLIGDALNKLYSAGVEEVVGTDTYLSEVSKVSVAEVIVDLL
;
_entity_poly.pdbx_strand_id   A,B,C,D
#
loop_
_chem_comp.id
_chem_comp.type
_chem_comp.name
_chem_comp.formula
AMP non-polymer 'ADENOSINE MONOPHOSPHATE' 'C10 H14 N5 O7 P'
R5P saccharide RIBOSE-5-PHOSPHATE 'C5 H11 O8 P'
#
# COMPACT_ATOMS: atom_id res chain seq x y z
N MET A 1 28.39 3.74 22.83
CA MET A 1 27.47 3.46 21.67
C MET A 1 26.11 4.13 21.89
N ILE A 2 25.47 4.53 20.79
CA ILE A 2 24.13 5.11 20.87
C ILE A 2 23.22 4.16 20.12
N VAL A 3 21.97 4.10 20.51
CA VAL A 3 21.03 3.22 19.82
C VAL A 3 20.10 4.07 18.96
N VAL A 4 20.03 3.75 17.68
CA VAL A 4 19.17 4.49 16.77
C VAL A 4 17.96 3.64 16.41
N SER A 5 16.77 4.20 16.59
CA SER A 5 15.56 3.46 16.25
C SER A 5 15.25 3.58 14.77
N GLY A 6 14.97 2.44 14.16
CA GLY A 6 14.58 2.44 12.77
C GLY A 6 13.09 2.66 12.92
N SER A 7 12.37 2.88 11.83
CA SER A 7 10.94 3.11 11.95
C SER A 7 10.20 1.83 12.28
N GLN A 8 10.71 0.71 11.79
CA GLN A 8 10.04 -0.57 11.99
C GLN A 8 10.36 -1.38 13.25
N SER A 9 11.23 -0.87 14.10
CA SER A 9 11.60 -1.56 15.34
C SER A 9 11.73 -0.59 16.51
N GLN A 10 10.82 0.37 16.58
CA GLN A 10 10.88 1.36 17.64
C GLN A 10 10.79 0.81 19.05
N ASN A 11 10.00 -0.23 19.26
CA ASN A 11 9.90 -0.77 20.62
C ASN A 11 11.03 -1.74 20.97
N LEU A 12 11.55 -2.42 19.96
CA LEU A 12 12.64 -3.35 20.20
C LEU A 12 13.90 -2.53 20.50
N ALA A 13 14.07 -1.42 19.79
CA ALA A 13 15.22 -0.56 19.97
C ALA A 13 15.22 -0.01 21.40
N PHE A 14 14.03 0.34 21.88
CA PHE A 14 13.86 0.87 23.22
C PHE A 14 14.24 -0.17 24.25
N LYS A 15 13.73 -1.39 24.08
CA LYS A 15 14.02 -2.49 24.99
C LYS A 15 15.51 -2.77 25.01
N VAL A 16 16.13 -2.74 23.83
CA VAL A 16 17.56 -3.00 23.73
C VAL A 16 18.36 -1.89 24.41
N ALA A 17 18.01 -0.64 24.14
CA ALA A 17 18.70 0.50 24.75
C ALA A 17 18.51 0.53 26.26
N LYS A 18 17.43 -0.06 26.72
CA LYS A 18 17.11 -0.11 28.15
C LYS A 18 18.05 -1.13 28.78
N LEU A 19 18.17 -2.29 28.14
CA LEU A 19 19.06 -3.33 28.63
C LEU A 19 20.49 -2.80 28.61
N LEU A 20 20.84 -2.02 27.59
CA LEU A 20 22.17 -1.46 27.49
C LEU A 20 22.33 -0.24 28.40
N ASN A 21 21.29 0.09 29.17
CA ASN A 21 21.35 1.24 30.07
C ASN A 21 21.86 2.50 29.33
N THR A 22 21.19 2.82 28.23
CA THR A 22 21.52 3.98 27.39
C THR A 22 20.22 4.72 27.11
N LYS A 23 20.32 6.00 26.75
CA LYS A 23 19.13 6.76 26.41
C LYS A 23 18.94 6.56 24.90
N LEU A 24 17.68 6.44 24.47
CA LEU A 24 17.38 6.21 23.06
C LEU A 24 17.53 7.53 22.30
N THR A 25 18.42 7.54 21.32
CA THR A 25 18.65 8.73 20.52
C THR A 25 17.42 9.08 19.70
N ARG A 26 16.75 10.19 20.00
CA ARG A 26 15.55 10.61 19.27
C ARG A 26 15.82 10.73 17.78
N VAL A 27 15.07 9.97 16.98
CA VAL A 27 15.22 10.02 15.54
C VAL A 27 13.90 10.31 14.86
N GLU A 28 13.89 11.37 14.08
CA GLU A 28 12.68 11.79 13.38
C GLU A 28 12.51 11.01 12.08
N TYR A 29 11.28 10.53 11.86
CA TYR A 29 10.96 9.78 10.65
C TYR A 29 9.57 10.20 10.19
N LYS A 30 9.45 10.49 8.90
CA LYS A 30 8.18 10.90 8.33
C LYS A 30 8.20 10.65 6.83
N ARG A 31 7.05 10.80 6.19
CA ARG A 31 6.94 10.59 4.77
C ARG A 31 6.52 11.90 4.13
N PHE A 32 7.17 12.28 3.05
CA PHE A 32 6.75 13.51 2.40
C PHE A 32 5.42 13.21 1.72
N PRO A 33 4.75 14.24 1.19
CA PRO A 33 3.47 14.00 0.53
C PRO A 33 3.51 12.90 -0.52
N ASP A 34 4.59 12.84 -1.29
CA ASP A 34 4.73 11.84 -2.33
C ASP A 34 5.11 10.46 -1.82
N ASN A 35 5.31 10.36 -0.51
CA ASN A 35 5.64 9.12 0.17
C ASN A 35 7.12 8.81 0.36
N GLU A 36 7.99 9.71 -0.04
CA GLU A 36 9.42 9.48 0.15
C GLU A 36 9.77 9.50 1.62
N ILE A 37 10.80 8.74 1.99
CA ILE A 37 11.20 8.66 3.39
C ILE A 37 12.06 9.83 3.83
N TYR A 38 11.85 10.28 5.07
CA TYR A 38 12.60 11.40 5.63
C TYR A 38 13.11 11.04 7.00
N VAL A 39 14.42 11.05 7.17
CA VAL A 39 15.01 10.74 8.46
C VAL A 39 15.87 11.92 8.89
N ARG A 40 15.90 12.15 10.20
CA ARG A 40 16.69 13.22 10.78
C ARG A 40 17.07 12.87 12.20
N ILE A 41 18.35 13.00 12.52
CA ILE A 41 18.82 12.70 13.86
C ILE A 41 18.56 13.94 14.70
N VAL A 42 17.57 13.88 15.57
CA VAL A 42 17.23 15.03 16.38
C VAL A 42 18.24 15.33 17.47
N ASP A 43 18.59 14.33 18.26
CA ASP A 43 19.54 14.51 19.35
C ASP A 43 20.97 14.65 18.84
N GLU A 44 21.83 15.16 19.71
CA GLU A 44 23.24 15.38 19.36
C GLU A 44 24.01 14.09 19.54
N ILE A 45 24.88 13.77 18.59
CA ILE A 45 25.67 12.55 18.65
C ILE A 45 27.16 12.77 18.90
N ASN A 46 27.57 12.73 20.17
CA ASN A 46 28.96 12.93 20.57
C ASN A 46 29.71 11.63 20.29
N ASP A 47 29.18 10.54 20.85
CA ASP A 47 29.76 9.21 20.67
C ASP A 47 29.97 8.97 19.17
N ASP A 48 30.98 8.19 18.81
CA ASP A 48 31.26 7.93 17.41
C ASP A 48 31.02 6.48 16.97
N GLU A 49 30.18 5.77 17.74
CA GLU A 49 29.82 4.40 17.44
C GLU A 49 28.33 4.25 17.66
N ALA A 50 27.59 3.99 16.58
CA ALA A 50 26.13 3.86 16.66
C ALA A 50 25.61 2.48 16.28
N VAL A 51 24.47 2.13 16.86
CA VAL A 51 23.81 0.85 16.59
C VAL A 51 22.42 1.14 16.05
N ILE A 52 22.16 0.71 14.81
CA ILE A 52 20.86 0.91 14.17
C ILE A 52 20.04 -0.36 14.30
N ILE A 53 18.86 -0.24 14.90
CA ILE A 53 17.97 -1.38 15.04
C ILE A 53 16.71 -1.13 14.24
N ASN A 54 16.61 -1.81 13.09
CA ASN A 54 15.46 -1.66 12.21
C ASN A 54 15.19 -2.96 11.45
N THR A 55 14.14 -3.66 11.83
CA THR A 55 13.77 -4.91 11.17
C THR A 55 13.18 -4.62 9.80
N GLN A 56 13.11 -5.62 8.93
CA GLN A 56 12.62 -5.37 7.58
C GLN A 56 11.34 -6.09 7.16
N LYS A 57 10.23 -5.77 7.81
CA LYS A 57 8.94 -6.36 7.48
C LYS A 57 8.52 -5.75 6.17
N ASN A 58 8.77 -4.46 6.02
CA ASN A 58 8.49 -3.78 4.78
C ASN A 58 9.86 -3.69 4.14
N GLN A 59 10.23 -4.81 3.52
CA GLN A 59 11.51 -4.98 2.88
C GLN A 59 12.14 -3.74 2.25
N ASN A 60 11.61 -3.29 1.14
CA ASN A 60 12.19 -2.13 0.48
C ASN A 60 12.24 -0.86 1.30
N ASP A 61 11.18 -0.54 2.04
CA ASP A 61 11.22 0.67 2.84
C ASP A 61 12.35 0.60 3.84
N ALA A 62 12.54 -0.55 4.47
CA ALA A 62 13.59 -0.72 5.46
C ALA A 62 14.96 -0.55 4.86
N ILE A 63 15.16 -1.08 3.67
CA ILE A 63 16.44 -0.98 3.01
C ILE A 63 16.80 0.47 2.71
N VAL A 64 15.89 1.22 2.10
CA VAL A 64 16.17 2.61 1.77
C VAL A 64 16.31 3.50 3.01
N GLU A 65 15.49 3.26 4.03
CA GLU A 65 15.56 4.03 5.26
C GLU A 65 16.89 3.82 5.95
N THR A 66 17.43 2.60 5.82
CA THR A 66 18.71 2.28 6.44
C THR A 66 19.80 3.03 5.68
N ILE A 67 19.69 3.01 4.35
CA ILE A 67 20.66 3.71 3.51
C ILE A 67 20.71 5.20 3.87
N LEU A 68 19.55 5.79 4.18
CA LEU A 68 19.52 7.20 4.53
C LEU A 68 20.00 7.45 5.95
N LEU A 69 19.69 6.58 6.90
CA LEU A 69 20.14 6.77 8.28
C LEU A 69 21.65 6.75 8.38
N CYS A 70 22.27 5.87 7.61
CA CYS A 70 23.73 5.74 7.60
C CYS A 70 24.35 7.04 7.13
N ASP A 71 23.82 7.58 6.04
CA ASP A 71 24.32 8.83 5.48
C ASP A 71 24.24 9.95 6.53
N ALA A 72 23.18 9.97 7.32
CA ALA A 72 23.01 11.00 8.33
C ALA A 72 23.94 10.81 9.52
N LEU A 73 24.25 9.56 9.85
CA LEU A 73 25.14 9.27 10.98
C LEU A 73 26.60 9.52 10.63
N ARG A 74 27.03 9.15 9.44
CA ARG A 74 28.41 9.39 9.05
C ARG A 74 28.64 10.90 9.09
N ASP A 75 27.66 11.62 8.56
CA ASP A 75 27.64 13.08 8.48
C ASP A 75 27.58 13.74 9.85
N GLU A 76 27.58 12.93 10.90
CA GLU A 76 27.47 13.42 12.26
C GLU A 76 28.68 12.93 13.06
N GLY A 77 29.62 12.31 12.36
CA GLY A 77 30.81 11.78 12.99
C GLY A 77 30.76 10.27 12.88
N VAL A 78 30.28 9.62 13.92
CA VAL A 78 30.15 8.15 13.98
C VAL A 78 31.05 7.38 13.02
N LYS A 79 32.15 6.84 13.55
CA LYS A 79 33.12 6.07 12.78
C LYS A 79 32.70 4.63 12.56
N LYS A 80 31.86 4.10 13.45
CA LYS A 80 31.40 2.73 13.31
C LYS A 80 29.89 2.60 13.49
N ILE A 81 29.23 2.03 12.48
CA ILE A 81 27.79 1.81 12.49
C ILE A 81 27.50 0.32 12.43
N THR A 82 26.76 -0.18 13.41
CA THR A 82 26.38 -1.59 13.47
C THR A 82 24.88 -1.65 13.16
N LEU A 83 24.50 -2.40 12.14
CA LEU A 83 23.10 -2.54 11.75
C LEU A 83 22.46 -3.82 12.28
N VAL A 84 21.44 -3.66 13.12
CA VAL A 84 20.70 -4.79 13.66
C VAL A 84 19.40 -4.89 12.87
N ALA A 85 19.30 -5.92 12.03
CA ALA A 85 18.10 -6.13 11.24
C ALA A 85 17.52 -7.48 11.67
N PRO A 86 16.75 -7.50 12.78
CA PRO A 86 16.15 -8.74 13.27
C PRO A 86 15.69 -9.66 12.15
N TYR A 87 14.77 -9.18 11.32
CA TYR A 87 14.32 -9.95 10.19
C TYR A 87 15.03 -9.36 8.99
N LEU A 88 15.86 -10.16 8.30
CA LEU A 88 16.60 -9.68 7.14
C LEU A 88 15.90 -10.09 5.85
N ALA A 89 15.36 -9.09 5.15
CA ALA A 89 14.64 -9.34 3.91
C ALA A 89 15.52 -9.92 2.82
N TYR A 90 14.88 -10.54 1.84
CA TYR A 90 15.58 -11.11 0.69
C TYR A 90 16.58 -12.22 0.96
N ALA A 91 16.58 -12.76 2.19
CA ALA A 91 17.51 -13.82 2.55
C ALA A 91 17.17 -15.17 1.92
N ARG A 92 15.94 -15.32 1.44
CA ARG A 92 15.57 -16.58 0.79
C ARG A 92 16.14 -16.69 -0.62
N GLN A 93 16.76 -15.62 -1.13
CA GLN A 93 17.37 -15.69 -2.45
C GLN A 93 18.85 -16.06 -2.29
N ASP A 94 19.09 -17.28 -1.82
CA ASP A 94 20.44 -17.79 -1.60
C ASP A 94 21.27 -17.84 -2.86
N LYS A 95 20.68 -18.42 -3.88
CA LYS A 95 21.34 -18.66 -5.14
C LYS A 95 20.45 -18.48 -6.37
N LYS A 96 21.00 -18.78 -7.54
CA LYS A 96 20.23 -18.67 -8.78
C LYS A 96 19.44 -19.97 -8.94
N PHE A 97 18.15 -19.94 -8.62
CA PHE A 97 17.34 -21.14 -8.75
C PHE A 97 16.91 -21.34 -10.21
N ASN A 98 17.32 -20.43 -11.07
CA ASN A 98 16.99 -20.49 -12.49
C ASN A 98 17.92 -19.56 -13.23
N PRO A 99 18.15 -19.84 -14.52
CA PRO A 99 19.04 -18.96 -15.29
C PRO A 99 18.39 -17.60 -15.51
N GLY A 100 19.16 -16.55 -15.18
CA GLY A 100 18.65 -15.19 -15.34
C GLY A 100 18.17 -14.57 -14.05
N GLU A 101 18.00 -15.38 -12.99
CA GLU A 101 17.53 -14.86 -11.71
C GLU A 101 18.63 -14.04 -11.05
N ALA A 102 18.23 -13.17 -10.15
CA ALA A 102 19.18 -12.34 -9.44
C ALA A 102 19.33 -12.86 -8.01
N ILE A 103 20.56 -12.96 -7.53
CA ILE A 103 20.77 -13.41 -6.17
C ILE A 103 20.63 -12.17 -5.29
N SER A 104 19.38 -11.89 -4.90
CA SER A 104 19.02 -10.72 -4.11
C SER A 104 19.87 -10.41 -2.88
N ILE A 105 19.96 -11.36 -1.95
CA ILE A 105 20.71 -11.13 -0.72
C ILE A 105 22.18 -10.83 -1.00
N ARG A 106 22.68 -11.30 -2.15
CA ARG A 106 24.07 -11.03 -2.51
C ARG A 106 24.23 -9.57 -2.90
N ALA A 107 23.31 -9.08 -3.74
CA ALA A 107 23.34 -7.70 -4.20
C ALA A 107 23.22 -6.75 -3.02
N LEU A 108 22.33 -7.05 -2.10
CA LEU A 108 22.14 -6.18 -0.94
C LEU A 108 23.29 -6.35 0.07
N ALA A 109 23.89 -7.53 0.11
CA ALA A 109 24.99 -7.76 1.02
C ALA A 109 26.10 -6.77 0.65
N LYS A 110 26.28 -6.59 -0.66
CA LYS A 110 27.29 -5.67 -1.16
C LYS A 110 27.03 -4.25 -0.68
N ILE A 111 25.75 -3.87 -0.65
CA ILE A 111 25.40 -2.53 -0.22
C ILE A 111 25.61 -2.37 1.28
N TYR A 112 25.16 -3.35 2.05
CA TYR A 112 25.32 -3.31 3.50
C TYR A 112 26.80 -3.21 3.83
N SER A 113 27.63 -3.88 3.02
CA SER A 113 29.06 -3.89 3.23
C SER A 113 29.71 -2.52 3.04
N ASN A 114 29.10 -1.67 2.22
CA ASN A 114 29.67 -0.35 2.00
C ASN A 114 29.04 0.74 2.83
N ILE A 115 28.00 0.42 3.59
CA ILE A 115 27.35 1.46 4.40
C ILE A 115 27.37 1.21 5.90
N VAL A 116 27.55 -0.04 6.30
CA VAL A 116 27.63 -0.37 7.72
C VAL A 116 28.87 -1.22 7.94
N ASP A 117 29.41 -1.16 9.15
CA ASP A 117 30.62 -1.90 9.45
C ASP A 117 30.33 -3.30 9.98
N LYS A 118 29.11 -3.54 10.43
CA LYS A 118 28.75 -4.83 10.99
C LYS A 118 27.25 -5.07 10.88
N LEU A 119 26.86 -6.31 10.60
CA LEU A 119 25.45 -6.63 10.47
C LEU A 119 25.04 -7.78 11.39
N ILE A 120 24.03 -7.55 12.20
CA ILE A 120 23.53 -8.56 13.13
C ILE A 120 22.06 -8.86 12.80
N THR A 121 21.74 -10.14 12.62
CA THR A 121 20.36 -10.53 12.32
C THR A 121 19.98 -11.75 13.14
N ILE A 122 18.68 -12.02 13.27
CA ILE A 122 18.21 -13.16 14.06
C ILE A 122 17.65 -14.27 13.16
N ASN A 123 18.19 -15.47 13.29
CA ASN A 123 17.75 -16.63 12.52
C ASN A 123 17.53 -16.43 11.03
N PRO A 124 18.61 -16.19 10.27
CA PRO A 124 18.48 -15.98 8.82
C PRO A 124 17.99 -17.26 8.18
N HIS A 125 17.38 -17.15 7.00
CA HIS A 125 16.89 -18.33 6.28
C HIS A 125 18.04 -19.31 6.04
N GLU A 126 19.22 -18.75 5.78
CA GLU A 126 20.44 -19.51 5.51
C GLU A 126 21.62 -18.72 6.02
N THR A 127 22.49 -19.37 6.77
CA THR A 127 23.67 -18.69 7.31
C THR A 127 24.80 -18.58 6.30
N HIS A 128 24.75 -19.39 5.24
CA HIS A 128 25.81 -19.32 4.26
C HIS A 128 25.85 -17.97 3.57
N ILE A 129 24.75 -17.23 3.64
CA ILE A 129 24.70 -15.93 3.01
C ILE A 129 25.77 -14.98 3.56
N LYS A 130 26.49 -15.41 4.59
CA LYS A 130 27.53 -14.54 5.14
C LYS A 130 28.67 -14.42 4.15
N ASP A 131 28.81 -15.43 3.30
CA ASP A 131 29.88 -15.41 2.30
C ASP A 131 29.78 -14.16 1.42
N PHE A 132 28.57 -13.62 1.28
CA PHE A 132 28.34 -12.44 0.46
C PHE A 132 28.76 -11.14 1.11
N PHE A 133 29.06 -11.17 2.40
CA PHE A 133 29.43 -9.95 3.11
C PHE A 133 30.93 -9.71 3.30
N THR A 134 31.39 -8.51 2.98
CA THR A 134 32.78 -8.17 3.16
C THR A 134 32.92 -7.53 4.54
N ILE A 135 31.92 -7.76 5.39
CA ILE A 135 31.94 -7.24 6.75
C ILE A 135 31.48 -8.33 7.72
N PRO A 136 31.66 -8.11 9.02
CA PRO A 136 31.24 -9.09 10.03
C PRO A 136 29.73 -9.39 9.93
N PHE A 137 29.36 -10.65 9.76
CA PHE A 137 27.96 -11.02 9.68
C PHE A 137 27.57 -11.91 10.87
N ILE A 138 26.94 -11.31 11.86
CA ILE A 138 26.53 -12.04 13.07
C ILE A 138 25.06 -12.48 13.04
N TYR A 139 24.77 -13.66 13.55
CA TYR A 139 23.40 -14.15 13.58
C TYR A 139 23.10 -14.81 14.91
N GLY A 140 22.15 -14.24 15.66
CA GLY A 140 21.79 -14.81 16.94
C GLY A 140 20.66 -15.80 16.77
N ASP A 141 20.24 -16.46 17.84
CA ASP A 141 19.16 -17.44 17.76
C ASP A 141 18.08 -17.25 18.83
N ALA A 142 16.84 -17.12 18.38
CA ALA A 142 15.73 -16.91 19.30
C ALA A 142 14.99 -18.19 19.71
N VAL A 143 15.28 -19.31 19.07
CA VAL A 143 14.63 -20.57 19.41
C VAL A 143 14.59 -20.77 20.93
N PRO A 144 15.72 -20.52 21.62
CA PRO A 144 15.76 -20.68 23.07
C PRO A 144 14.71 -19.84 23.83
N LYS A 145 14.50 -18.59 23.41
CA LYS A 145 13.50 -17.75 24.07
C LYS A 145 12.11 -18.31 23.80
N LEU A 146 11.96 -18.97 22.66
CA LEU A 146 10.70 -19.58 22.30
C LEU A 146 10.49 -20.80 23.16
N ALA A 147 11.53 -21.62 23.27
CA ALA A 147 11.48 -22.83 24.08
C ALA A 147 11.10 -22.47 25.51
N GLU A 148 11.72 -21.42 26.04
CA GLU A 148 11.44 -20.97 27.39
C GLU A 148 10.00 -20.52 27.57
N TYR A 149 9.45 -19.84 26.56
CA TYR A 149 8.07 -19.35 26.64
C TYR A 149 7.07 -20.47 26.89
N VAL A 150 7.23 -21.56 26.15
CA VAL A 150 6.31 -22.68 26.25
C VAL A 150 6.62 -23.75 27.28
N LYS A 151 7.85 -23.77 27.79
CA LYS A 151 8.24 -24.78 28.78
C LYS A 151 7.27 -24.73 29.96
N ASP A 152 6.75 -23.54 30.16
CA ASP A 152 5.82 -23.27 31.22
C ASP A 152 4.44 -23.88 30.95
N LYS A 153 4.01 -23.90 29.70
CA LYS A 153 2.68 -24.41 29.38
C LYS A 153 2.51 -25.72 28.60
N LEU A 154 3.45 -26.65 28.72
CA LEU A 154 3.35 -27.94 28.01
C LEU A 154 3.80 -29.10 28.88
N ASN A 155 2.85 -29.97 29.22
CA ASN A 155 3.11 -31.14 30.06
C ASN A 155 3.98 -32.19 29.35
N ASP A 156 5.26 -32.26 29.74
CA ASP A 156 6.23 -33.20 29.16
C ASP A 156 5.91 -33.42 27.69
N PRO A 157 6.34 -32.50 26.82
CA PRO A 157 6.06 -32.65 25.40
C PRO A 157 7.23 -33.22 24.63
N ILE A 158 7.09 -33.19 23.31
CA ILE A 158 8.12 -33.63 22.39
C ILE A 158 8.26 -32.50 21.39
N VAL A 159 9.50 -32.12 21.09
CA VAL A 159 9.73 -31.05 20.14
C VAL A 159 9.75 -31.63 18.72
N LEU A 160 9.10 -30.95 17.79
CA LEU A 160 9.06 -31.44 16.41
C LEU A 160 9.43 -30.39 15.37
N ALA A 161 10.24 -30.78 14.40
CA ALA A 161 10.62 -29.86 13.34
C ALA A 161 9.74 -30.26 12.17
N PRO A 162 8.92 -29.33 11.66
CA PRO A 162 8.02 -29.60 10.53
C PRO A 162 8.70 -30.38 9.41
N ASP A 163 9.89 -29.92 9.01
CA ASP A 163 10.66 -30.57 7.96
C ASP A 163 12.06 -30.90 8.48
N LYS A 164 12.71 -31.87 7.85
CA LYS A 164 14.05 -32.28 8.26
C LYS A 164 15.03 -31.10 8.40
N GLY A 165 14.82 -30.05 7.60
CA GLY A 165 15.71 -28.91 7.66
C GLY A 165 15.53 -28.00 8.87
N ALA A 166 14.44 -28.19 9.59
CA ALA A 166 14.15 -27.42 10.79
C ALA A 166 14.55 -28.22 12.02
N LEU A 167 15.19 -29.36 11.80
CA LEU A 167 15.61 -30.23 12.88
C LEU A 167 16.45 -29.52 13.92
N GLU A 168 17.40 -28.73 13.48
CA GLU A 168 18.28 -27.98 14.38
C GLU A 168 17.54 -27.17 15.44
N PHE A 169 16.45 -26.53 15.04
CA PHE A 169 15.62 -25.72 15.93
C PHE A 169 14.96 -26.62 16.96
N ALA A 170 14.45 -27.76 16.47
CA ALA A 170 13.78 -28.73 17.32
C ALA A 170 14.74 -29.20 18.40
N LYS A 171 15.93 -29.60 18.00
CA LYS A 171 16.93 -30.06 18.93
C LYS A 171 17.23 -28.99 19.99
N THR A 172 17.52 -27.77 19.52
CA THR A 172 17.82 -26.66 20.42
C THR A 172 16.75 -26.50 21.49
N ALA A 173 15.49 -26.41 21.07
CA ALA A 173 14.39 -26.27 22.00
C ALA A 173 14.31 -27.51 22.88
N SER A 174 14.58 -28.65 22.26
CA SER A 174 14.56 -29.95 22.93
C SER A 174 15.45 -29.93 24.16
N LYS A 175 16.63 -29.36 24.00
CA LYS A 175 17.58 -29.26 25.09
C LYS A 175 17.04 -28.46 26.28
N ILE A 176 16.48 -27.28 26.01
CA ILE A 176 15.94 -26.40 27.04
C ILE A 176 14.67 -26.91 27.74
N LEU A 177 14.04 -27.91 27.13
CA LEU A 177 12.81 -28.48 27.69
C LEU A 177 13.05 -29.91 28.23
N ASN A 178 14.25 -30.43 27.98
CA ASN A 178 14.66 -31.77 28.39
C ASN A 178 13.82 -32.85 27.72
N ALA A 179 13.03 -32.45 26.73
CA ALA A 179 12.18 -33.39 26.01
C ALA A 179 12.96 -34.03 24.87
N GLU A 180 12.30 -34.91 24.13
CA GLU A 180 12.94 -35.57 23.00
C GLU A 180 12.53 -34.79 21.76
N TYR A 181 13.37 -34.80 20.73
CA TYR A 181 13.00 -34.10 19.52
C TYR A 181 12.91 -35.09 18.36
N ASP A 182 12.58 -34.58 17.18
CA ASP A 182 12.44 -35.42 15.99
C ASP A 182 11.87 -34.52 14.90
N TYR A 183 11.68 -35.07 13.70
CA TYR A 183 11.13 -34.29 12.62
C TYR A 183 10.15 -35.10 11.79
N LEU A 184 9.26 -34.42 11.07
CA LEU A 184 8.30 -35.11 10.23
C LEU A 184 9.00 -35.41 8.91
N GLU A 185 8.68 -36.55 8.31
CA GLU A 185 9.29 -36.94 7.05
C GLU A 185 8.26 -37.35 6.01
N ILE A 196 3.61 -39.14 5.43
CA ILE A 196 4.18 -38.16 6.35
C ILE A 196 3.90 -38.53 7.79
N ALA A 197 4.96 -38.55 8.60
CA ALA A 197 4.86 -38.88 10.02
C ALA A 197 6.22 -38.67 10.66
N PRO A 198 6.25 -38.59 12.01
CA PRO A 198 7.54 -38.38 12.67
C PRO A 198 8.52 -39.53 12.44
N LYS A 199 9.72 -39.17 11.97
CA LYS A 199 10.78 -40.11 11.65
C LYS A 199 11.03 -41.17 12.73
N THR A 200 10.70 -40.85 13.99
CA THR A 200 10.90 -41.80 15.08
C THR A 200 9.75 -41.77 16.09
N LEU A 201 9.83 -40.84 17.04
CA LEU A 201 8.82 -40.68 18.10
C LEU A 201 7.38 -40.78 17.60
N ASP A 202 6.44 -40.92 18.54
CA ASP A 202 5.02 -40.99 18.21
C ASP A 202 4.23 -39.99 19.05
N ALA A 203 3.36 -39.24 18.38
CA ALA A 203 2.55 -38.21 19.04
C ALA A 203 1.44 -38.72 19.96
N LYS A 204 1.04 -39.96 19.78
CA LYS A 204 -0.02 -40.54 20.59
C LYS A 204 -0.05 -40.05 22.04
N ASP A 205 -1.17 -39.44 22.42
CA ASP A 205 -1.41 -38.92 23.76
C ASP A 205 -0.38 -37.98 24.38
N ARG A 206 0.39 -37.27 23.56
CA ARG A 206 1.39 -36.35 24.11
C ARG A 206 1.25 -34.89 23.67
N ASP A 207 1.75 -33.97 24.49
CA ASP A 207 1.71 -32.56 24.16
C ASP A 207 2.82 -32.35 23.14
N VAL A 208 2.60 -31.48 22.15
CA VAL A 208 3.62 -31.26 21.14
C VAL A 208 4.02 -29.80 20.91
N PHE A 209 5.32 -29.58 20.78
CA PHE A 209 5.87 -28.25 20.53
C PHE A 209 6.58 -28.29 19.18
N ILE A 210 5.96 -27.69 18.17
CA ILE A 210 6.51 -27.65 16.82
C ILE A 210 7.17 -26.28 16.64
N VAL A 211 8.46 -26.28 16.30
CA VAL A 211 9.18 -25.03 16.10
C VAL A 211 9.83 -25.02 14.71
N ASP A 212 9.81 -23.86 14.07
CA ASP A 212 10.37 -23.69 12.75
C ASP A 212 10.85 -22.23 12.71
N ASP A 213 11.66 -21.86 11.73
CA ASP A 213 12.14 -20.49 11.72
C ASP A 213 11.10 -19.51 11.20
N ILE A 214 10.33 -19.91 10.19
CA ILE A 214 9.31 -19.02 9.63
C ILE A 214 7.98 -19.73 9.39
N ILE A 215 6.89 -18.97 9.52
CA ILE A 215 5.53 -19.45 9.24
C ILE A 215 5.00 -18.35 8.32
N SER A 216 4.99 -18.62 7.02
CA SER A 216 4.53 -17.65 6.05
C SER A 216 3.04 -17.80 5.71
N THR A 217 2.72 -18.73 4.81
CA THR A 217 1.32 -18.96 4.44
C THR A 217 0.68 -19.85 5.50
N GLY A 218 1.51 -20.62 6.20
CA GLY A 218 1.00 -21.49 7.25
C GLY A 218 0.72 -22.91 6.80
N GLY A 219 0.99 -23.19 5.52
CA GLY A 219 0.74 -24.52 5.00
C GLY A 219 1.60 -25.61 5.62
N THR A 220 2.87 -25.30 5.92
CA THR A 220 3.76 -26.28 6.52
C THR A 220 3.24 -26.73 7.88
N MET A 221 2.99 -25.78 8.77
CA MET A 221 2.48 -26.11 10.10
C MET A 221 1.07 -26.68 10.07
N ALA A 222 0.17 -26.04 9.32
CA ALA A 222 -1.22 -26.51 9.23
C ALA A 222 -1.22 -28.02 9.00
N THR A 223 -0.33 -28.46 8.11
CA THR A 223 -0.19 -29.86 7.77
C THR A 223 0.28 -30.68 8.96
N ALA A 224 1.38 -30.26 9.56
CA ALA A 224 1.91 -30.95 10.71
C ALA A 224 0.83 -31.03 11.79
N VAL A 225 0.22 -29.89 12.12
CA VAL A 225 -0.81 -29.87 13.14
C VAL A 225 -1.96 -30.83 12.86
N LYS A 226 -2.55 -30.73 11.67
CA LYS A 226 -3.66 -31.61 11.33
C LYS A 226 -3.27 -33.07 11.53
N LEU A 227 -2.13 -33.45 10.97
CA LEU A 227 -1.63 -34.81 11.08
C LEU A 227 -1.45 -35.26 12.53
N LEU A 228 -0.59 -34.57 13.26
CA LEU A 228 -0.34 -34.89 14.66
C LEU A 228 -1.62 -35.09 15.45
N LYS A 229 -2.62 -34.27 15.18
CA LYS A 229 -3.90 -34.42 15.89
C LYS A 229 -4.52 -35.77 15.52
N GLU A 230 -4.52 -36.10 14.22
CA GLU A 230 -5.07 -37.36 13.72
C GLU A 230 -4.31 -38.54 14.34
N GLN A 231 -3.09 -38.28 14.81
CA GLN A 231 -2.26 -39.29 15.43
C GLN A 231 -2.51 -39.33 16.93
N GLY A 232 -3.50 -38.58 17.39
CA GLY A 232 -3.83 -38.54 18.80
C GLY A 232 -2.99 -37.64 19.70
N ALA A 233 -2.34 -36.62 19.14
CA ALA A 233 -1.55 -35.72 19.96
C ALA A 233 -2.50 -34.91 20.82
N LYS A 234 -1.99 -34.36 21.91
CA LYS A 234 -2.86 -33.60 22.80
C LYS A 234 -2.72 -32.09 22.60
N LYS A 235 -2.14 -31.39 23.56
CA LYS A 235 -1.97 -29.94 23.43
C LYS A 235 -0.79 -29.61 22.50
N ILE A 236 -1.06 -28.87 21.43
CA ILE A 236 0.00 -28.50 20.49
C ILE A 236 0.22 -27.00 20.41
N ILE A 237 1.48 -26.57 20.47
CA ILE A 237 1.82 -25.16 20.37
C ILE A 237 2.83 -24.99 19.24
N ALA A 238 2.53 -24.12 18.30
CA ALA A 238 3.42 -23.87 17.18
C ALA A 238 4.17 -22.56 17.40
N ALA A 239 5.49 -22.60 17.26
CA ALA A 239 6.29 -21.40 17.44
C ALA A 239 7.23 -21.19 16.27
N CYS A 240 7.66 -19.95 16.08
CA CYS A 240 8.56 -19.62 15.00
C CYS A 240 9.23 -18.30 15.35
N VAL A 241 10.41 -18.06 14.78
CA VAL A 241 11.12 -16.83 15.06
C VAL A 241 10.43 -15.67 14.37
N HIS A 242 10.19 -15.82 13.08
CA HIS A 242 9.57 -14.77 12.27
C HIS A 242 8.13 -15.10 11.86
N PRO A 243 7.14 -14.53 12.55
CA PRO A 243 5.73 -14.78 12.24
C PRO A 243 5.16 -13.98 11.08
N VAL A 244 5.62 -14.24 9.86
CA VAL A 244 5.13 -13.52 8.70
C VAL A 244 3.61 -13.67 8.59
N LEU A 245 3.13 -14.86 8.90
CA LEU A 245 1.70 -15.20 8.91
C LEU A 245 0.85 -14.45 7.89
N ILE A 246 1.05 -14.75 6.62
CA ILE A 246 0.31 -14.10 5.54
C ILE A 246 -1.16 -14.47 5.46
N GLY A 247 -1.99 -13.47 5.18
CA GLY A 247 -3.42 -13.70 5.03
C GLY A 247 -4.12 -14.40 6.17
N ASP A 248 -4.74 -15.54 5.88
CA ASP A 248 -5.47 -16.30 6.88
C ASP A 248 -4.65 -17.40 7.55
N ALA A 249 -3.33 -17.28 7.47
CA ALA A 249 -2.42 -18.25 8.06
C ALA A 249 -2.83 -18.65 9.48
N LEU A 250 -3.04 -17.66 10.35
CA LEU A 250 -3.44 -17.95 11.72
C LEU A 250 -4.73 -18.73 11.80
N ASN A 251 -5.76 -18.25 11.13
CA ASN A 251 -7.04 -18.94 11.15
C ASN A 251 -6.85 -20.36 10.68
N LYS A 252 -5.92 -20.55 9.76
CA LYS A 252 -5.63 -21.86 9.21
C LYS A 252 -5.12 -22.80 10.30
N LEU A 253 -4.15 -22.33 11.08
CA LEU A 253 -3.56 -23.13 12.17
C LEU A 253 -4.53 -23.37 13.32
N TYR A 254 -5.30 -22.35 13.65
CA TYR A 254 -6.27 -22.45 14.73
C TYR A 254 -7.32 -23.52 14.41
N SER A 255 -7.73 -23.60 13.15
CA SER A 255 -8.72 -24.60 12.73
C SER A 255 -8.08 -25.97 12.79
N ALA A 256 -6.83 -26.05 12.38
CA ALA A 256 -6.08 -27.30 12.39
C ALA A 256 -6.06 -27.88 13.79
N GLY A 257 -6.28 -27.02 14.78
CA GLY A 257 -6.31 -27.47 16.15
C GLY A 257 -5.22 -27.01 17.10
N VAL A 258 -4.30 -26.16 16.66
CA VAL A 258 -3.25 -25.71 17.57
C VAL A 258 -3.89 -25.06 18.78
N GLU A 259 -3.19 -25.15 19.91
CA GLU A 259 -3.65 -24.58 21.18
C GLU A 259 -3.24 -23.11 21.22
N GLU A 260 -2.09 -22.83 20.61
CA GLU A 260 -1.55 -21.48 20.53
C GLU A 260 -0.46 -21.39 19.47
N VAL A 261 -0.29 -20.18 18.94
CA VAL A 261 0.73 -19.90 17.95
C VAL A 261 1.53 -18.77 18.60
N VAL A 262 2.86 -18.87 18.57
CA VAL A 262 3.70 -17.86 19.20
C VAL A 262 4.94 -17.57 18.39
N GLY A 263 5.21 -16.28 18.18
CA GLY A 263 6.37 -15.85 17.43
C GLY A 263 7.09 -14.72 18.16
N THR A 264 8.23 -14.27 17.64
CA THR A 264 8.98 -13.19 18.29
C THR A 264 8.64 -11.84 17.69
N ASP A 265 9.35 -10.81 18.15
CA ASP A 265 9.13 -9.47 17.66
C ASP A 265 10.13 -9.05 16.59
N THR A 266 10.57 -10.00 15.78
CA THR A 266 11.48 -9.67 14.70
C THR A 266 10.61 -9.26 13.53
N TYR A 267 9.33 -9.63 13.61
CA TYR A 267 8.36 -9.33 12.57
C TYR A 267 7.02 -9.14 13.28
N LEU A 268 6.43 -7.96 13.14
CA LEU A 268 5.17 -7.67 13.81
C LEU A 268 4.00 -8.54 13.36
N SER A 269 3.36 -9.19 14.33
CA SER A 269 2.21 -10.04 14.07
C SER A 269 1.33 -10.00 15.31
N GLU A 270 0.17 -10.65 15.23
CA GLU A 270 -0.75 -10.67 16.36
C GLU A 270 -0.30 -11.67 17.42
N VAL A 271 0.82 -12.35 17.16
CA VAL A 271 1.33 -13.34 18.10
C VAL A 271 2.82 -13.19 18.37
N SER A 272 3.30 -11.96 18.31
CA SER A 272 4.69 -11.65 18.58
C SER A 272 4.84 -11.46 20.08
N LYS A 273 4.57 -12.53 20.83
CA LYS A 273 4.64 -12.52 22.28
C LYS A 273 6.05 -12.60 22.88
N VAL A 274 7.00 -13.14 22.13
CA VAL A 274 8.37 -13.26 22.65
C VAL A 274 9.32 -12.23 22.03
N SER A 275 10.16 -11.62 22.86
CA SER A 275 11.10 -10.60 22.39
C SER A 275 12.52 -11.10 22.22
N VAL A 276 13.22 -10.57 21.22
CA VAL A 276 14.60 -10.97 20.96
C VAL A 276 15.58 -9.92 21.50
N ALA A 277 15.05 -8.96 22.25
CA ALA A 277 15.86 -7.88 22.80
C ALA A 277 17.15 -8.34 23.42
N GLU A 278 17.04 -9.37 24.26
CA GLU A 278 18.21 -9.91 24.96
C GLU A 278 19.14 -10.69 24.03
N VAL A 279 18.57 -11.39 23.07
CA VAL A 279 19.36 -12.15 22.11
C VAL A 279 20.27 -11.16 21.36
N ILE A 280 19.71 -9.99 21.08
CA ILE A 280 20.44 -8.95 20.37
C ILE A 280 21.52 -8.34 21.26
N VAL A 281 21.15 -7.97 22.48
CA VAL A 281 22.11 -7.36 23.38
C VAL A 281 23.36 -8.20 23.55
N ASP A 282 23.19 -9.52 23.67
CA ASP A 282 24.36 -10.38 23.86
C ASP A 282 25.24 -10.48 22.62
N LEU A 283 24.78 -10.00 21.49
CA LEU A 283 25.57 -10.09 20.28
C LEU A 283 26.34 -8.80 20.03
N LEU A 284 25.98 -7.76 20.78
CA LEU A 284 26.63 -6.46 20.66
C LEU A 284 27.94 -6.43 21.42
N MET B 1 23.49 -3.00 -27.91
CA MET B 1 22.80 -2.76 -26.59
C MET B 1 21.45 -3.47 -26.53
N ILE B 2 21.05 -3.85 -25.32
CA ILE B 2 19.75 -4.49 -25.14
C ILE B 2 18.99 -3.56 -24.21
N VAL B 3 17.66 -3.54 -24.35
CA VAL B 3 16.85 -2.70 -23.49
C VAL B 3 16.13 -3.55 -22.47
N VAL B 4 16.32 -3.23 -21.20
CA VAL B 4 15.69 -3.98 -20.13
C VAL B 4 14.56 -3.17 -19.52
N SER B 5 13.37 -3.77 -19.48
CA SER B 5 12.23 -3.07 -18.91
C SER B 5 12.20 -3.19 -17.40
N GLY B 6 12.04 -2.04 -16.75
CA GLY B 6 11.93 -2.04 -15.30
C GLY B 6 10.44 -2.29 -15.15
N SER B 7 9.96 -2.54 -13.94
CA SER B 7 8.53 -2.80 -13.77
C SER B 7 7.70 -1.54 -13.94
N GLN B 8 8.27 -0.40 -13.57
CA GLN B 8 7.55 0.86 -13.64
C GLN B 8 7.58 1.65 -14.95
N SER B 9 8.28 1.16 -15.95
CA SER B 9 8.37 1.85 -17.22
C SER B 9 8.29 0.87 -18.39
N GLN B 10 7.42 -0.11 -18.28
CA GLN B 10 7.29 -1.10 -19.33
C GLN B 10 6.92 -0.56 -20.70
N ASN B 11 6.07 0.45 -20.77
CA ASN B 11 5.67 0.98 -22.07
C ASN B 11 6.69 1.96 -22.64
N LEU B 12 7.38 2.67 -21.77
CA LEU B 12 8.37 3.63 -22.22
C LEU B 12 9.57 2.86 -22.76
N ALA B 13 9.90 1.77 -22.10
CA ALA B 13 11.02 0.94 -22.49
C ALA B 13 10.76 0.37 -23.88
N PHE B 14 9.51 -0.02 -24.13
CA PHE B 14 9.08 -0.57 -25.40
C PHE B 14 9.22 0.48 -26.50
N LYS B 15 8.72 1.67 -26.23
CA LYS B 15 8.79 2.77 -27.19
C LYS B 15 10.23 3.09 -27.51
N VAL B 16 11.06 3.09 -26.48
CA VAL B 16 12.48 3.39 -26.66
C VAL B 16 13.17 2.31 -27.49
N ALA B 17 12.92 1.05 -27.14
CA ALA B 17 13.52 -0.06 -27.86
C ALA B 17 13.03 -0.11 -29.32
N LYS B 18 11.85 0.44 -29.55
CA LYS B 18 11.24 0.47 -30.88
C LYS B 18 12.01 1.50 -31.69
N LEU B 19 12.22 2.66 -31.10
CA LEU B 19 12.97 3.71 -31.75
C LEU B 19 14.39 3.22 -32.02
N LEU B 20 14.95 2.46 -31.08
CA LEU B 20 16.30 1.94 -31.27
C LEU B 20 16.32 0.72 -32.19
N ASN B 21 15.15 0.37 -32.73
CA ASN B 21 15.07 -0.79 -33.61
C ASN B 21 15.76 -2.00 -32.97
N THR B 22 15.30 -2.36 -31.77
CA THR B 22 15.83 -3.49 -31.01
C THR B 22 14.64 -4.26 -30.47
N LYS B 23 14.86 -5.54 -30.14
CA LYS B 23 13.78 -6.34 -29.57
C LYS B 23 13.88 -6.14 -28.05
N LEU B 24 12.74 -6.02 -27.39
CA LEU B 24 12.71 -5.81 -25.96
C LEU B 24 13.05 -7.11 -25.23
N THR B 25 14.12 -7.09 -24.44
CA THR B 25 14.54 -8.28 -23.69
C THR B 25 13.50 -8.65 -22.64
N ARG B 26 12.85 -9.78 -22.81
CA ARG B 26 11.82 -10.22 -21.86
C ARG B 26 12.38 -10.31 -20.45
N VAL B 27 11.78 -9.57 -19.52
CA VAL B 27 12.24 -9.60 -18.13
C VAL B 27 11.09 -9.92 -17.19
N GLU B 28 11.25 -11.00 -16.43
CA GLU B 28 10.23 -11.44 -15.51
C GLU B 28 10.29 -10.63 -14.21
N TYR B 29 9.13 -10.21 -13.72
CA TYR B 29 9.03 -9.47 -12.48
C TYR B 29 7.78 -9.92 -11.75
N LYS B 30 7.93 -10.20 -10.46
CA LYS B 30 6.81 -10.63 -9.64
C LYS B 30 7.12 -10.36 -8.18
N ARG B 31 6.12 -10.54 -7.33
CA ARG B 31 6.27 -10.33 -5.90
C ARG B 31 6.03 -11.64 -5.21
N PHE B 32 6.88 -12.02 -4.27
CA PHE B 32 6.64 -13.25 -3.57
C PHE B 32 5.46 -12.98 -2.62
N PRO B 33 4.95 -14.02 -1.98
CA PRO B 33 3.82 -13.80 -1.07
C PRO B 33 4.03 -12.70 -0.03
N ASP B 34 5.25 -12.60 0.50
CA ASP B 34 5.55 -11.58 1.49
C ASP B 34 5.79 -10.20 0.90
N ASN B 35 5.71 -10.10 -0.43
CA ASN B 35 5.86 -8.86 -1.17
C ASN B 35 7.26 -8.51 -1.64
N GLU B 36 8.22 -9.40 -1.43
CA GLU B 36 9.58 -9.13 -1.89
C GLU B 36 9.64 -9.15 -3.42
N ILE B 37 10.51 -8.34 -3.99
CA ILE B 37 10.63 -8.27 -5.44
C ILE B 37 11.44 -9.42 -6.02
N TYR B 38 11.01 -9.89 -7.19
CA TYR B 38 11.66 -10.98 -7.89
C TYR B 38 11.90 -10.62 -9.34
N VAL B 39 13.16 -10.59 -9.76
CA VAL B 39 13.46 -10.28 -11.14
C VAL B 39 14.25 -11.42 -11.74
N ARG B 40 14.01 -11.67 -13.03
CA ARG B 40 14.71 -12.72 -13.74
C ARG B 40 14.78 -12.36 -15.22
N ILE B 41 15.98 -12.45 -15.80
CA ILE B 41 16.15 -12.16 -17.21
C ILE B 41 15.78 -13.42 -17.96
N VAL B 42 14.63 -13.41 -18.61
CA VAL B 42 14.15 -14.58 -19.33
C VAL B 42 14.91 -14.86 -20.61
N ASP B 43 15.10 -13.84 -21.46
CA ASP B 43 15.81 -14.01 -22.71
C ASP B 43 17.33 -14.11 -22.51
N GLU B 44 18.01 -14.61 -23.53
CA GLU B 44 19.46 -14.77 -23.46
C GLU B 44 20.14 -13.45 -23.80
N ILE B 45 21.19 -13.11 -23.05
CA ILE B 45 21.92 -11.86 -23.26
C ILE B 45 23.33 -12.04 -23.80
N ASN B 46 23.46 -12.01 -25.13
CA ASN B 46 24.77 -12.16 -25.78
C ASN B 46 25.53 -10.84 -25.67
N ASP B 47 24.86 -9.77 -26.11
CA ASP B 47 25.43 -8.43 -26.06
C ASP B 47 25.92 -8.18 -24.64
N ASP B 48 26.94 -7.36 -24.48
CA ASP B 48 27.48 -7.08 -23.16
C ASP B 48 27.27 -5.62 -22.69
N GLU B 49 26.30 -4.95 -23.30
CA GLU B 49 25.98 -3.57 -22.93
C GLU B 49 24.45 -3.45 -22.84
N ALA B 50 23.94 -3.23 -21.64
CA ALA B 50 22.49 -3.13 -21.43
C ALA B 50 22.02 -1.78 -20.96
N VAL B 51 20.77 -1.46 -21.27
CA VAL B 51 20.15 -0.20 -20.88
C VAL B 51 18.91 -0.53 -20.07
N ILE B 52 18.88 -0.09 -18.82
CA ILE B 52 17.74 -0.32 -17.93
C ILE B 52 16.86 0.91 -17.89
N ILE B 53 15.59 0.75 -18.24
CA ILE B 53 14.66 1.87 -18.21
C ILE B 53 13.59 1.58 -17.18
N ASN B 54 13.68 2.28 -16.05
CA ASN B 54 12.75 2.09 -14.93
C ASN B 54 12.61 3.39 -14.15
N THR B 55 11.48 4.08 -14.30
CA THR B 55 11.22 5.32 -13.59
C THR B 55 10.93 5.01 -12.13
N GLN B 56 11.01 6.01 -11.27
CA GLN B 56 10.80 5.76 -9.85
C GLN B 56 9.61 6.43 -9.17
N LYS B 57 8.40 6.08 -9.61
CA LYS B 57 7.18 6.62 -9.04
C LYS B 57 7.06 6.03 -7.64
N ASN B 58 7.37 4.74 -7.55
CA ASN B 58 7.37 4.06 -6.28
C ASN B 58 8.83 4.03 -5.91
N GLN B 59 9.29 5.16 -5.40
CA GLN B 59 10.67 5.38 -5.03
C GLN B 59 11.44 4.16 -4.54
N ASN B 60 11.15 3.69 -3.33
CA ASN B 60 11.88 2.56 -2.79
C ASN B 60 11.82 1.29 -3.60
N ASP B 61 10.65 0.94 -4.11
CA ASP B 61 10.56 -0.28 -4.91
C ASP B 61 11.47 -0.19 -6.10
N ALA B 62 11.46 0.95 -6.78
CA ALA B 62 12.29 1.16 -7.96
C ALA B 62 13.78 1.03 -7.64
N ILE B 63 14.20 1.59 -6.51
CA ILE B 63 15.59 1.51 -6.12
C ILE B 63 16.05 0.09 -5.90
N VAL B 64 15.30 -0.68 -5.13
CA VAL B 64 15.67 -2.06 -4.86
C VAL B 64 15.58 -2.94 -6.10
N GLU B 65 14.55 -2.72 -6.91
CA GLU B 65 14.40 -3.50 -8.13
C GLU B 65 15.56 -3.26 -9.07
N THR B 66 16.08 -2.03 -9.07
CA THR B 66 17.21 -1.69 -9.92
C THR B 66 18.46 -2.40 -9.40
N ILE B 67 18.63 -2.39 -8.08
CA ILE B 67 19.76 -3.04 -7.44
C ILE B 67 19.78 -4.53 -7.78
N LEU B 68 18.61 -5.15 -7.88
CA LEU B 68 18.55 -6.57 -8.20
C LEU B 68 18.76 -6.84 -9.68
N LEU B 69 18.24 -5.97 -10.56
CA LEU B 69 18.38 -6.16 -12.00
C LEU B 69 19.86 -6.09 -12.41
N CYS B 70 20.59 -5.17 -11.80
CA CYS B 70 22.01 -5.01 -12.07
C CYS B 70 22.76 -6.29 -11.73
N ASP B 71 22.47 -6.83 -10.55
CA ASP B 71 23.10 -8.05 -10.09
C ASP B 71 22.85 -9.18 -11.09
N ALA B 72 21.64 -9.24 -11.66
CA ALA B 72 21.33 -10.29 -12.61
C ALA B 72 22.01 -10.09 -13.98
N LEU B 73 22.19 -8.83 -14.37
CA LEU B 73 22.82 -8.54 -15.65
C LEU B 73 24.34 -8.75 -15.60
N ARG B 74 24.99 -8.35 -14.51
CA ARG B 74 26.42 -8.55 -14.41
C ARG B 74 26.69 -10.04 -14.49
N ASP B 75 25.85 -10.78 -13.78
CA ASP B 75 25.91 -12.24 -13.68
C ASP B 75 25.57 -12.92 -15.01
N GLU B 76 25.35 -12.11 -16.03
CA GLU B 76 24.97 -12.61 -17.36
C GLU B 76 25.98 -12.10 -18.37
N GLY B 77 27.01 -11.43 -17.87
CA GLY B 77 28.03 -10.88 -18.75
C GLY B 77 27.97 -9.38 -18.62
N VAL B 78 27.28 -8.75 -19.56
CA VAL B 78 27.09 -7.30 -19.59
C VAL B 78 28.14 -6.47 -18.83
N LYS B 79 29.10 -5.92 -19.58
CA LYS B 79 30.18 -5.12 -18.99
C LYS B 79 29.77 -3.68 -18.70
N LYS B 80 28.76 -3.20 -19.41
CA LYS B 80 28.28 -1.83 -19.19
C LYS B 80 26.76 -1.75 -19.07
N ILE B 81 26.31 -1.19 -17.95
CA ILE B 81 24.89 -1.02 -17.66
C ILE B 81 24.58 0.46 -17.53
N THR B 82 23.65 0.94 -18.36
CA THR B 82 23.21 2.34 -18.34
C THR B 82 21.80 2.36 -17.75
N LEU B 83 21.62 3.11 -16.67
CA LEU B 83 20.33 3.20 -16.02
C LEU B 83 19.55 4.46 -16.41
N VAL B 84 18.38 4.26 -17.02
CA VAL B 84 17.52 5.37 -17.42
C VAL B 84 16.41 5.44 -16.37
N ALA B 85 16.44 6.46 -15.54
CA ALA B 85 15.41 6.66 -14.53
C ALA B 85 14.72 7.99 -14.84
N PRO B 86 13.75 7.98 -15.77
CA PRO B 86 13.03 9.19 -16.14
C PRO B 86 12.77 10.10 -14.96
N TYR B 87 12.05 9.59 -13.96
CA TYR B 87 11.80 10.36 -12.77
C TYR B 87 12.76 9.82 -11.72
N LEU B 88 13.67 10.66 -11.22
CA LEU B 88 14.64 10.22 -10.21
C LEU B 88 14.20 10.60 -8.80
N ALA B 89 13.82 9.60 -8.02
CA ALA B 89 13.37 9.82 -6.67
C ALA B 89 14.43 10.43 -5.79
N TYR B 90 13.99 11.04 -4.69
CA TYR B 90 14.88 11.64 -3.71
C TYR B 90 15.78 12.78 -4.18
N ALA B 91 15.52 13.31 -5.37
CA ALA B 91 16.34 14.39 -5.91
C ALA B 91 16.08 15.73 -5.24
N ARG B 92 14.98 15.86 -4.50
CA ARG B 92 14.70 17.11 -3.81
C ARG B 92 15.54 17.25 -2.54
N GLN B 93 16.26 16.21 -2.16
CA GLN B 93 17.13 16.30 -0.98
C GLN B 93 18.53 16.71 -1.43
N ASP B 94 18.65 17.93 -1.97
CA ASP B 94 19.90 18.48 -2.46
C ASP B 94 20.95 18.56 -1.37
N LYS B 95 20.55 19.15 -0.25
CA LYS B 95 21.46 19.41 0.83
C LYS B 95 20.84 19.21 2.21
N LYS B 96 21.60 19.54 3.26
CA LYS B 96 21.09 19.43 4.62
C LYS B 96 20.32 20.71 4.92
N PHE B 97 19.00 20.63 4.89
CA PHE B 97 18.19 21.81 5.17
C PHE B 97 18.04 22.01 6.68
N ASN B 98 18.65 21.11 7.45
CA ASN B 98 18.60 21.17 8.91
C ASN B 98 19.69 20.28 9.46
N PRO B 99 20.14 20.57 10.68
CA PRO B 99 21.20 19.74 11.26
C PRO B 99 20.66 18.34 11.60
N GLY B 100 21.35 17.33 11.11
CA GLY B 100 20.95 15.95 11.37
C GLY B 100 20.23 15.31 10.21
N GLU B 101 19.85 16.10 9.22
CA GLU B 101 19.17 15.55 8.05
C GLU B 101 20.14 14.78 7.19
N ALA B 102 19.60 13.88 6.38
CA ALA B 102 20.41 13.07 5.49
C ALA B 102 20.25 13.58 4.07
N ILE B 103 21.35 13.72 3.35
CA ILE B 103 21.27 14.16 1.98
C ILE B 103 20.99 12.89 1.15
N SER B 104 19.70 12.57 1.02
CA SER B 104 19.22 11.38 0.31
C SER B 104 19.79 11.10 -1.06
N ILE B 105 19.67 12.05 -1.99
CA ILE B 105 20.18 11.82 -3.34
C ILE B 105 21.69 11.56 -3.36
N ARG B 106 22.40 12.07 -2.34
CA ARG B 106 23.85 11.85 -2.25
C ARG B 106 24.11 10.39 -1.89
N ALA B 107 23.41 9.89 -0.88
CA ALA B 107 23.57 8.51 -0.45
C ALA B 107 23.26 7.55 -1.60
N LEU B 108 22.17 7.80 -2.31
CA LEU B 108 21.79 6.93 -3.40
C LEU B 108 22.70 7.11 -4.63
N ALA B 109 23.27 8.30 -4.77
CA ALA B 109 24.15 8.55 -5.90
C ALA B 109 25.34 7.60 -5.74
N LYS B 110 25.78 7.43 -4.50
CA LYS B 110 26.90 6.56 -4.20
C LYS B 110 26.59 5.13 -4.60
N ILE B 111 25.35 4.71 -4.39
CA ILE B 111 24.97 3.36 -4.74
C ILE B 111 24.88 3.20 -6.25
N TYR B 112 24.25 4.17 -6.92
CA TYR B 112 24.12 4.11 -8.37
C TYR B 112 25.51 4.06 -9.00
N SER B 113 26.44 4.77 -8.38
CA SER B 113 27.80 4.82 -8.87
C SER B 113 28.51 3.46 -8.81
N ASN B 114 28.11 2.61 -7.87
CA ASN B 114 28.75 1.30 -7.76
C ASN B 114 28.00 0.18 -8.47
N ILE B 115 26.82 0.46 -9.00
CA ILE B 115 26.06 -0.61 -9.66
C ILE B 115 25.78 -0.36 -11.14
N VAL B 116 25.84 0.89 -11.57
CA VAL B 116 25.63 1.20 -12.97
C VAL B 116 26.77 2.09 -13.44
N ASP B 117 27.06 2.03 -14.72
CA ASP B 117 28.16 2.81 -15.28
C ASP B 117 27.74 4.19 -15.76
N LYS B 118 26.44 4.39 -15.94
CA LYS B 118 25.93 5.67 -16.42
C LYS B 118 24.48 5.87 -16.01
N LEU B 119 24.12 7.11 -15.66
CA LEU B 119 22.75 7.40 -15.24
C LEU B 119 22.14 8.53 -16.07
N ILE B 120 20.98 8.26 -16.67
CA ILE B 120 20.27 9.23 -17.47
C ILE B 120 18.89 9.47 -16.86
N THR B 121 18.56 10.74 -16.61
CA THR B 121 17.27 11.10 -16.05
C THR B 121 16.71 12.31 -16.79
N ILE B 122 15.40 12.54 -16.67
CA ILE B 122 14.75 13.67 -17.35
C ILE B 122 14.34 14.76 -16.36
N ASN B 123 14.81 15.97 -16.59
CA ASN B 123 14.50 17.13 -15.77
C ASN B 123 14.58 16.93 -14.26
N PRO B 124 15.80 16.75 -13.71
CA PRO B 124 15.96 16.56 -12.27
C PRO B 124 15.55 17.82 -11.54
N HIS B 125 15.22 17.70 -10.27
CA HIS B 125 14.83 18.87 -9.47
C HIS B 125 15.99 19.87 -9.49
N GLU B 126 17.21 19.35 -9.42
CA GLU B 126 18.44 20.15 -9.41
C GLU B 126 19.52 19.39 -10.14
N THR B 127 20.21 20.07 -11.05
CA THR B 127 21.26 19.41 -11.82
C THR B 127 22.58 19.35 -11.07
N HIS B 128 22.73 20.16 -10.02
CA HIS B 128 23.98 20.14 -9.26
C HIS B 128 24.18 18.78 -8.59
N ILE B 129 23.11 18.02 -8.43
CA ILE B 129 23.21 16.71 -7.80
C ILE B 129 24.18 15.78 -8.55
N LYS B 130 24.67 16.21 -9.71
CA LYS B 130 25.60 15.36 -10.46
C LYS B 130 26.93 15.29 -9.71
N ASP B 131 27.21 16.32 -8.93
CA ASP B 131 28.43 16.35 -8.15
C ASP B 131 28.56 15.10 -7.27
N PHE B 132 27.42 14.53 -6.89
CA PHE B 132 27.41 13.36 -6.03
C PHE B 132 27.73 12.06 -6.75
N PHE B 133 27.75 12.09 -8.08
CA PHE B 133 28.01 10.87 -8.84
C PHE B 133 29.45 10.68 -9.32
N THR B 134 29.99 9.48 -9.11
CA THR B 134 31.35 9.19 -9.55
C THR B 134 31.22 8.53 -10.93
N ILE B 135 30.07 8.74 -11.58
CA ILE B 135 29.83 8.21 -12.92
C ILE B 135 29.15 9.28 -13.76
N PRO B 136 29.05 9.05 -15.07
CA PRO B 136 28.42 10.01 -15.98
C PRO B 136 26.97 10.24 -15.59
N PHE B 137 26.60 11.51 -15.37
CA PHE B 137 25.23 11.85 -14.99
C PHE B 137 24.60 12.72 -16.08
N ILE B 138 23.78 12.10 -16.92
CA ILE B 138 23.13 12.79 -18.02
C ILE B 138 21.68 13.17 -17.70
N TYR B 139 21.26 14.36 -18.12
CA TYR B 139 19.89 14.81 -17.89
C TYR B 139 19.30 15.45 -19.13
N GLY B 140 18.26 14.83 -19.68
CA GLY B 140 17.60 15.36 -20.87
C GLY B 140 16.51 16.34 -20.46
N ASP B 141 15.85 16.97 -21.45
CA ASP B 141 14.80 17.94 -21.16
C ASP B 141 13.54 17.72 -21.99
N ALA B 142 12.41 17.54 -21.32
CA ALA B 142 11.15 17.29 -22.00
C ALA B 142 10.31 18.52 -22.27
N VAL B 143 10.69 19.66 -21.69
CA VAL B 143 9.94 20.90 -21.90
C VAL B 143 9.59 21.09 -23.37
N PRO B 144 10.56 20.86 -24.27
CA PRO B 144 10.30 21.02 -25.70
C PRO B 144 9.16 20.14 -26.23
N LYS B 145 9.08 18.89 -25.77
CA LYS B 145 7.99 18.01 -26.22
C LYS B 145 6.68 18.55 -25.69
N LEU B 146 6.73 19.19 -24.53
CA LEU B 146 5.54 19.77 -23.94
C LEU B 146 5.12 20.99 -24.75
N ALA B 147 6.09 21.84 -25.06
CA ALA B 147 5.85 23.05 -25.85
C ALA B 147 5.20 22.63 -27.14
N GLU B 148 5.75 21.61 -27.78
CA GLU B 148 5.21 21.12 -29.04
C GLU B 148 3.78 20.61 -28.95
N TYR B 149 3.46 19.94 -27.85
CA TYR B 149 2.11 19.41 -27.66
C TYR B 149 1.03 20.51 -27.70
N VAL B 150 1.29 21.62 -27.02
CA VAL B 150 0.33 22.71 -26.93
C VAL B 150 0.41 23.76 -28.04
N LYS B 151 1.52 23.82 -28.76
CA LYS B 151 1.67 24.84 -29.81
C LYS B 151 0.51 24.77 -30.77
N ASP B 152 -0.01 23.56 -30.85
CA ASP B 152 -1.15 23.24 -31.71
C ASP B 152 -2.47 23.81 -31.18
N LYS B 153 -2.63 23.84 -29.87
CA LYS B 153 -3.89 24.31 -29.27
C LYS B 153 -3.91 25.62 -28.44
N LEU B 154 -3.06 26.58 -28.78
CA LEU B 154 -3.07 27.87 -28.07
C LEU B 154 -2.82 29.03 -29.01
N ASN B 155 -3.85 29.87 -29.18
CA ASN B 155 -3.81 31.05 -30.06
C ASN B 155 -2.84 32.12 -29.55
N ASP B 156 -1.68 32.23 -30.18
CA ASP B 156 -0.64 33.20 -29.78
C ASP B 156 -0.66 33.42 -28.27
N PRO B 157 -0.03 32.51 -27.52
CA PRO B 157 -0.02 32.66 -26.07
C PRO B 157 1.26 33.26 -25.55
N ILE B 158 1.37 33.28 -24.23
CA ILE B 158 2.57 33.75 -23.55
C ILE B 158 2.94 32.62 -22.60
N VAL B 159 4.22 32.27 -22.55
CA VAL B 159 4.68 31.22 -21.66
C VAL B 159 4.95 31.82 -20.28
N LEU B 160 4.53 31.13 -19.23
CA LEU B 160 4.75 31.63 -17.88
C LEU B 160 5.35 30.60 -16.95
N ALA B 161 6.33 31.02 -16.16
CA ALA B 161 6.95 30.14 -15.17
C ALA B 161 6.30 30.53 -13.85
N PRO B 162 5.65 29.56 -13.17
CA PRO B 162 4.99 29.82 -11.89
C PRO B 162 5.85 30.62 -10.93
N ASP B 163 7.11 30.20 -10.78
CA ASP B 163 8.04 30.89 -9.90
C ASP B 163 9.29 31.25 -10.69
N LYS B 164 10.03 32.24 -10.20
CA LYS B 164 11.23 32.70 -10.89
C LYS B 164 12.20 31.55 -11.23
N GLY B 165 12.19 30.49 -10.40
CA GLY B 165 13.10 29.37 -10.63
C GLY B 165 12.73 28.47 -11.79
N ALA B 166 11.49 28.61 -12.26
CA ALA B 166 11.00 27.79 -13.37
C ALA B 166 11.13 28.60 -14.66
N LEU B 167 11.73 29.78 -14.55
CA LEU B 167 11.89 30.65 -15.71
C LEU B 167 12.53 29.95 -16.91
N GLU B 168 13.60 29.20 -16.66
CA GLU B 168 14.30 28.48 -17.72
C GLU B 168 13.37 27.63 -18.60
N PHE B 169 12.40 26.97 -17.98
CA PHE B 169 11.45 26.12 -18.71
C PHE B 169 10.57 26.99 -19.57
N ALA B 170 10.15 28.12 -19.01
CA ALA B 170 9.29 29.06 -19.69
C ALA B 170 9.97 29.54 -20.96
N LYS B 171 11.20 30.00 -20.81
CA LYS B 171 11.99 30.48 -21.94
C LYS B 171 12.10 29.40 -23.02
N THR B 172 12.52 28.21 -22.62
CA THR B 172 12.68 27.09 -23.54
C THR B 172 11.41 26.90 -24.39
N ALA B 173 10.27 26.78 -23.71
CA ALA B 173 8.99 26.59 -24.41
C ALA B 173 8.71 27.81 -25.26
N SER B 174 9.05 28.97 -24.71
CA SER B 174 8.85 30.25 -25.37
C SER B 174 9.48 30.23 -26.75
N LYS B 175 10.70 29.71 -26.83
CA LYS B 175 11.43 29.64 -28.07
C LYS B 175 10.69 28.80 -29.13
N ILE B 176 10.22 27.62 -28.73
CA ILE B 176 9.52 26.70 -29.64
C ILE B 176 8.14 27.16 -30.09
N LEU B 177 7.59 28.16 -29.39
CA LEU B 177 6.26 28.68 -29.71
C LEU B 177 6.37 30.11 -30.26
N ASN B 178 7.58 30.65 -30.26
CA ASN B 178 7.82 32.01 -30.73
C ASN B 178 7.09 33.07 -29.91
N ALA B 179 6.55 32.66 -28.77
CA ALA B 179 5.84 33.58 -27.90
C ALA B 179 6.82 34.24 -26.95
N GLU B 180 6.29 35.10 -26.08
CA GLU B 180 7.12 35.81 -25.11
C GLU B 180 6.99 35.04 -23.81
N TYR B 181 8.01 35.09 -22.97
CA TYR B 181 7.92 34.40 -21.71
C TYR B 181 8.05 35.37 -20.56
N ASP B 182 7.98 34.86 -19.34
CA ASP B 182 8.06 35.71 -18.15
C ASP B 182 7.73 34.81 -16.97
N TYR B 183 7.75 35.36 -15.76
CA TYR B 183 7.45 34.58 -14.58
C TYR B 183 6.62 35.37 -13.58
N LEU B 184 5.93 34.66 -12.69
CA LEU B 184 5.13 35.33 -11.67
C LEU B 184 6.09 35.66 -10.52
N GLU B 185 5.86 36.79 -9.86
CA GLU B 185 6.71 37.21 -8.75
C GLU B 185 5.90 37.61 -7.52
N ILE B 196 1.38 39.26 -6.03
CA ILE B 196 1.78 38.29 -7.05
C ILE B 196 1.21 38.64 -8.40
N ALA B 197 2.09 38.68 -9.42
CA ALA B 197 1.69 39.01 -10.79
C ALA B 197 2.90 38.83 -11.70
N PRO B 198 2.67 38.73 -13.02
CA PRO B 198 3.81 38.56 -13.93
C PRO B 198 4.77 39.74 -13.90
N LYS B 199 6.05 39.41 -13.66
CA LYS B 199 7.13 40.39 -13.57
C LYS B 199 7.11 41.46 -14.67
N THR B 200 6.57 41.12 -15.83
CA THR B 200 6.52 42.06 -16.96
C THR B 200 5.19 41.99 -17.72
N LEU B 201 5.10 41.04 -18.67
CA LEU B 201 3.90 40.86 -19.49
C LEU B 201 2.58 40.90 -18.72
N ASP B 202 1.48 41.01 -19.45
CA ASP B 202 0.15 41.05 -18.86
C ASP B 202 -0.77 40.01 -19.50
N ALA B 203 -1.46 39.24 -18.68
CA ALA B 203 -2.35 38.19 -19.16
C ALA B 203 -3.63 38.66 -19.83
N LYS B 204 -4.01 39.90 -19.59
CA LYS B 204 -5.25 40.44 -20.18
C LYS B 204 -5.54 39.93 -21.58
N ASP B 205 -6.71 39.29 -21.73
CA ASP B 205 -7.21 38.74 -22.98
C ASP B 205 -6.30 37.82 -23.80
N ARG B 206 -5.34 37.16 -23.15
CA ARG B 206 -4.44 36.26 -23.87
C ARG B 206 -4.47 34.80 -23.39
N ASP B 207 -4.11 33.88 -24.30
CA ASP B 207 -4.04 32.46 -23.98
C ASP B 207 -2.72 32.31 -23.22
N VAL B 208 -2.71 31.45 -22.21
CA VAL B 208 -1.50 31.27 -21.43
C VAL B 208 -1.02 29.82 -21.28
N PHE B 209 0.28 29.64 -21.40
CA PHE B 209 0.89 28.32 -21.26
C PHE B 209 1.86 28.37 -20.08
N ILE B 210 1.47 27.77 -18.97
CA ILE B 210 2.31 27.75 -17.75
C ILE B 210 3.03 26.41 -17.70
N VAL B 211 4.35 26.46 -17.64
CA VAL B 211 5.13 25.25 -17.57
C VAL B 211 6.04 25.26 -16.34
N ASP B 212 6.18 24.10 -15.70
CA ASP B 212 7.00 23.96 -14.50
C ASP B 212 7.53 22.54 -14.56
N ASP B 213 8.53 22.20 -13.77
CA ASP B 213 9.03 20.83 -13.83
C ASP B 213 8.16 19.81 -13.11
N ILE B 214 7.59 20.20 -11.98
CA ILE B 214 6.73 19.30 -11.22
C ILE B 214 5.45 19.97 -10.72
N ILE B 215 4.38 19.18 -10.64
CA ILE B 215 3.09 19.61 -10.10
C ILE B 215 2.80 18.51 -9.09
N SER B 216 3.01 18.79 -7.81
CA SER B 216 2.80 17.82 -6.74
C SER B 216 1.40 17.92 -6.13
N THR B 217 1.23 18.84 -5.19
CA THR B 217 -0.06 19.05 -4.56
C THR B 217 -0.93 19.90 -5.48
N GLY B 218 -0.28 20.68 -6.33
CA GLY B 218 -0.99 21.52 -7.27
C GLY B 218 -1.22 22.93 -6.77
N GLY B 219 -0.69 23.25 -5.59
CA GLY B 219 -0.87 24.57 -5.02
C GLY B 219 -0.20 25.69 -5.79
N THR B 220 0.98 25.42 -6.32
CA THR B 220 1.71 26.42 -7.09
C THR B 220 0.90 26.85 -8.33
N MET B 221 0.51 25.88 -9.16
CA MET B 221 -0.28 26.17 -10.35
C MET B 221 -1.68 26.71 -10.03
N ALA B 222 -2.39 26.06 -9.12
CA ALA B 222 -3.74 26.49 -8.77
C ALA B 222 -3.75 27.99 -8.53
N THR B 223 -2.70 28.45 -7.86
CA THR B 223 -2.53 29.86 -7.54
C THR B 223 -2.35 30.69 -8.81
N ALA B 224 -1.35 30.31 -9.61
CA ALA B 224 -1.09 31.00 -10.86
C ALA B 224 -2.37 31.03 -11.69
N VAL B 225 -2.99 29.88 -11.88
CA VAL B 225 -4.22 29.81 -12.67
C VAL B 225 -5.30 30.74 -12.17
N LYS B 226 -5.63 30.63 -10.88
CA LYS B 226 -6.68 31.49 -10.34
C LYS B 226 -6.40 32.95 -10.61
N LEU B 227 -5.19 33.37 -10.30
CA LEU B 227 -4.77 34.76 -10.51
C LEU B 227 -4.91 35.19 -11.96
N LEU B 228 -4.17 34.54 -12.84
CA LEU B 228 -4.20 34.85 -14.27
C LEU B 228 -5.64 34.98 -14.79
N LYS B 229 -6.54 34.14 -14.32
CA LYS B 229 -7.92 34.24 -14.73
C LYS B 229 -8.49 35.58 -14.25
N GLU B 230 -8.22 35.92 -13.00
CA GLU B 230 -8.71 37.17 -12.41
C GLU B 230 -8.13 38.36 -13.16
N GLN B 231 -7.02 38.14 -13.86
CA GLN B 231 -6.37 39.18 -14.66
C GLN B 231 -6.92 39.19 -16.09
N GLY B 232 -7.94 38.38 -16.33
CA GLY B 232 -8.55 38.31 -17.65
C GLY B 232 -7.88 37.44 -18.68
N ALA B 233 -7.12 36.43 -18.26
CA ALA B 233 -6.47 35.54 -19.22
C ALA B 233 -7.55 34.72 -19.87
N LYS B 234 -7.28 34.19 -21.05
CA LYS B 234 -8.27 33.39 -21.74
C LYS B 234 -8.05 31.88 -21.56
N LYS B 235 -7.67 31.17 -22.62
CA LYS B 235 -7.43 29.74 -22.52
C LYS B 235 -6.06 29.45 -21.87
N ILE B 236 -6.07 28.71 -20.76
CA ILE B 236 -4.84 28.38 -20.03
C ILE B 236 -4.55 26.88 -20.00
N ILE B 237 -3.33 26.51 -20.32
CA ILE B 237 -2.93 25.11 -20.28
C ILE B 237 -1.71 25.00 -19.39
N ALA B 238 -1.80 24.11 -18.40
CA ALA B 238 -0.70 23.88 -17.47
C ALA B 238 0.04 22.60 -17.84
N ALA B 239 1.36 22.68 -17.97
CA ALA B 239 2.14 21.51 -18.31
C ALA B 239 3.30 21.33 -17.33
N CYS B 240 3.80 20.11 -17.23
CA CYS B 240 4.91 19.81 -16.34
C CYS B 240 5.54 18.51 -16.82
N VAL B 241 6.82 18.32 -16.51
CA VAL B 241 7.48 17.10 -16.93
C VAL B 241 6.99 15.92 -16.10
N HIS B 242 7.00 16.08 -14.78
CA HIS B 242 6.59 15.02 -13.86
C HIS B 242 5.25 15.33 -13.18
N PRO B 243 4.15 14.72 -13.65
CA PRO B 243 2.82 14.94 -13.07
C PRO B 243 2.52 14.12 -11.81
N VAL B 244 3.20 14.41 -10.71
CA VAL B 244 2.98 13.68 -9.47
C VAL B 244 1.50 13.77 -9.08
N LEU B 245 0.94 14.95 -9.29
CA LEU B 245 -0.46 15.25 -9.01
C LEU B 245 -1.06 14.48 -7.82
N ILE B 246 -0.63 14.82 -6.62
CA ILE B 246 -1.11 14.16 -5.41
C ILE B 246 -2.55 14.48 -5.05
N GLY B 247 -3.27 13.46 -4.61
CA GLY B 247 -4.65 13.64 -4.18
C GLY B 247 -5.60 14.31 -5.16
N ASP B 248 -6.18 15.44 -4.74
CA ASP B 248 -7.12 16.16 -5.58
C ASP B 248 -6.47 17.28 -6.39
N ALA B 249 -5.16 17.18 -6.59
CA ALA B 249 -4.42 18.18 -7.35
C ALA B 249 -5.11 18.55 -8.66
N LEU B 250 -5.47 17.56 -9.47
CA LEU B 250 -6.13 17.82 -10.74
C LEU B 250 -7.45 18.57 -10.56
N ASN B 251 -8.30 18.07 -9.68
CA ASN B 251 -9.58 18.71 -9.45
C ASN B 251 -9.35 20.16 -9.04
N LYS B 252 -8.26 20.38 -8.31
CA LYS B 252 -7.91 21.70 -7.85
C LYS B 252 -7.66 22.63 -9.02
N LEU B 253 -6.83 22.20 -9.97
CA LEU B 253 -6.49 22.99 -11.16
C LEU B 253 -7.69 23.20 -12.09
N TYR B 254 -8.48 22.15 -12.29
CA TYR B 254 -9.66 22.22 -13.15
C TYR B 254 -10.64 23.27 -12.61
N SER B 255 -10.79 23.33 -11.30
CA SER B 255 -11.69 24.30 -10.67
C SER B 255 -11.13 25.69 -10.88
N ALA B 256 -9.82 25.80 -10.73
CA ALA B 256 -9.13 27.08 -10.87
C ALA B 256 -9.42 27.65 -12.25
N GLY B 257 -9.78 26.76 -13.19
CA GLY B 257 -10.11 27.21 -14.53
C GLY B 257 -9.22 26.79 -15.67
N VAL B 258 -8.20 25.96 -15.42
CA VAL B 258 -7.35 25.54 -16.51
C VAL B 258 -8.19 24.86 -17.58
N GLU B 259 -7.75 24.95 -18.83
CA GLU B 259 -8.44 24.35 -19.96
C GLU B 259 -7.99 22.90 -20.08
N GLU B 260 -6.73 22.67 -19.72
CA GLU B 260 -6.16 21.35 -19.76
C GLU B 260 -4.87 21.28 -18.95
N VAL B 261 -4.58 20.08 -18.44
CA VAL B 261 -3.36 19.83 -17.68
C VAL B 261 -2.67 18.73 -18.48
N VAL B 262 -1.37 18.88 -18.72
CA VAL B 262 -0.64 17.89 -19.50
C VAL B 262 0.75 17.63 -18.94
N GLY B 263 1.09 16.35 -18.82
CA GLY B 263 2.40 15.96 -18.32
C GLY B 263 2.99 14.85 -19.15
N THR B 264 4.22 14.45 -18.88
CA THR B 264 4.85 13.37 -19.65
C THR B 264 4.70 12.02 -19.00
N ASP B 265 5.32 11.01 -19.58
CA ASP B 265 5.23 9.66 -19.03
C ASP B 265 6.41 9.28 -18.16
N THR B 266 7.00 10.25 -17.48
CA THR B 266 8.12 9.96 -16.61
C THR B 266 7.51 9.54 -15.28
N TYR B 267 6.23 9.86 -15.12
CA TYR B 267 5.51 9.55 -13.89
C TYR B 267 4.08 9.31 -14.34
N LEU B 268 3.55 8.12 -14.08
CA LEU B 268 2.19 7.80 -14.51
C LEU B 268 1.13 8.63 -13.83
N SER B 269 0.27 9.23 -14.64
CA SER B 269 -0.84 10.06 -14.17
C SER B 269 -1.96 9.99 -15.19
N GLU B 270 -3.08 10.60 -14.88
CA GLU B 270 -4.21 10.58 -15.81
C GLU B 270 -3.99 11.58 -16.92
N VAL B 271 -2.88 12.30 -16.90
CA VAL B 271 -2.60 13.29 -17.92
C VAL B 271 -1.21 13.18 -18.50
N SER B 272 -0.67 11.97 -18.51
CA SER B 272 0.65 11.71 -19.07
C SER B 272 0.50 11.52 -20.57
N LYS B 273 0.06 12.57 -21.25
CA LYS B 273 -0.17 12.54 -22.70
C LYS B 273 1.09 12.66 -23.56
N VAL B 274 2.16 13.22 -23.02
CA VAL B 274 3.38 13.39 -23.80
C VAL B 274 4.45 12.39 -23.39
N SER B 275 5.14 11.80 -24.37
CA SER B 275 6.19 10.82 -24.09
C SER B 275 7.61 11.37 -24.19
N VAL B 276 8.50 10.85 -23.36
CA VAL B 276 9.90 11.30 -23.37
C VAL B 276 10.78 10.29 -24.08
N ALA B 277 10.15 9.29 -24.71
CA ALA B 277 10.87 8.24 -25.41
C ALA B 277 12.00 8.76 -26.28
N GLU B 278 11.70 9.74 -27.10
CA GLU B 278 12.69 10.29 -28.00
C GLU B 278 13.75 11.12 -27.30
N VAL B 279 13.37 11.80 -26.23
CA VAL B 279 14.30 12.60 -25.45
C VAL B 279 15.37 11.65 -24.90
N ILE B 280 14.92 10.46 -24.50
CA ILE B 280 15.81 9.45 -23.96
C ILE B 280 16.71 8.88 -25.04
N VAL B 281 16.11 8.45 -26.14
CA VAL B 281 16.88 7.88 -27.23
C VAL B 281 18.04 8.78 -27.65
N ASP B 282 17.82 10.08 -27.73
CA ASP B 282 18.90 10.97 -28.14
C ASP B 282 20.01 11.11 -27.12
N LEU B 283 19.79 10.62 -25.91
CA LEU B 283 20.81 10.75 -24.88
C LEU B 283 21.65 9.49 -24.77
N LEU B 284 21.18 8.44 -25.44
CA LEU B 284 21.88 7.17 -25.45
C LEU B 284 23.02 7.19 -26.47
N MET C 1 -27.80 19.40 -13.67
CA MET C 1 -26.92 18.38 -13.02
C MET C 1 -25.53 18.96 -12.74
N ILE C 2 -24.89 18.48 -11.69
CA ILE C 2 -23.53 18.90 -11.36
C ILE C 2 -22.69 17.65 -11.47
N VAL C 3 -21.41 17.82 -11.80
CA VAL C 3 -20.53 16.68 -11.92
C VAL C 3 -19.59 16.67 -10.74
N VAL C 4 -19.55 15.56 -10.02
CA VAL C 4 -18.68 15.43 -8.87
C VAL C 4 -17.50 14.51 -9.20
N SER C 5 -16.29 15.00 -8.98
CA SER C 5 -15.11 14.19 -9.25
C SER C 5 -14.82 13.26 -8.09
N GLY C 6 -14.61 11.99 -8.41
CA GLY C 6 -14.23 11.04 -7.38
C GLY C 6 -12.72 11.23 -7.37
N SER C 7 -12.00 10.64 -6.43
CA SER C 7 -10.57 10.84 -6.41
C SER C 7 -9.87 10.07 -7.52
N GLN C 8 -10.44 8.94 -7.94
CA GLN C 8 -9.82 8.13 -8.96
C GLN C 8 -10.16 8.41 -10.43
N SER C 9 -11.00 9.40 -10.68
CA SER C 9 -11.36 9.74 -12.05
C SER C 9 -11.43 11.24 -12.24
N GLN C 10 -10.49 11.95 -11.65
CA GLN C 10 -10.49 13.40 -11.76
C GLN C 10 -10.41 13.96 -13.17
N ASN C 11 -9.65 13.33 -14.04
CA ASN C 11 -9.55 13.85 -15.40
C ASN C 11 -10.72 13.43 -16.29
N LEU C 12 -11.29 12.28 -16.02
CA LEU C 12 -12.41 11.80 -16.80
C LEU C 12 -13.62 12.63 -16.45
N ALA C 13 -13.75 12.98 -15.18
CA ALA C 13 -14.86 13.78 -14.70
C ALA C 13 -14.84 15.13 -15.38
N PHE C 14 -13.62 15.67 -15.52
CA PHE C 14 -13.40 16.96 -16.15
C PHE C 14 -13.81 16.93 -17.62
N LYS C 15 -13.35 15.89 -18.32
CA LYS C 15 -13.66 15.73 -19.73
C LYS C 15 -15.17 15.60 -19.92
N VAL C 16 -15.81 14.83 -19.04
CA VAL C 16 -17.24 14.64 -19.10
C VAL C 16 -17.98 15.94 -18.83
N ALA C 17 -17.58 16.66 -17.78
CA ALA C 17 -18.21 17.93 -17.43
C ALA C 17 -18.02 18.97 -18.53
N LYS C 18 -16.94 18.82 -19.28
CA LYS C 18 -16.60 19.73 -20.37
C LYS C 18 -17.58 19.46 -21.50
N LEU C 19 -17.76 18.18 -21.83
CA LEU C 19 -18.69 17.79 -22.87
C LEU C 19 -20.09 18.22 -22.48
N LEU C 20 -20.42 18.13 -21.20
CA LEU C 20 -21.74 18.53 -20.73
C LEU C 20 -21.84 20.04 -20.57
N ASN C 21 -20.77 20.75 -20.91
CA ASN C 21 -20.77 22.20 -20.79
C ASN C 21 -21.23 22.63 -19.38
N THR C 22 -20.55 22.09 -18.37
CA THR C 22 -20.85 22.39 -16.97
C THR C 22 -19.53 22.68 -16.26
N LYS C 23 -19.60 23.38 -15.13
CA LYS C 23 -18.38 23.64 -14.38
C LYS C 23 -18.22 22.47 -13.41
N LEU C 24 -16.97 22.02 -13.24
CA LEU C 24 -16.70 20.90 -12.35
C LEU C 24 -16.81 21.36 -10.89
N THR C 25 -17.72 20.74 -10.14
CA THR C 25 -17.90 21.08 -8.73
C THR C 25 -16.67 20.71 -7.92
N ARG C 26 -15.97 21.71 -7.40
CA ARG C 26 -14.77 21.46 -6.61
C ARG C 26 -15.06 20.55 -5.43
N VAL C 27 -14.35 19.42 -5.37
CA VAL C 27 -14.54 18.47 -4.27
C VAL C 27 -13.22 18.18 -3.59
N GLU C 28 -13.16 18.44 -2.29
CA GLU C 28 -11.96 18.22 -1.52
C GLU C 28 -11.83 16.76 -1.10
N TYR C 29 -10.63 16.21 -1.27
CA TYR C 29 -10.34 14.83 -0.90
C TYR C 29 -8.96 14.76 -0.29
N LYS C 30 -8.84 14.08 0.83
CA LYS C 30 -7.57 13.94 1.51
C LYS C 30 -7.63 12.74 2.44
N ARG C 31 -6.48 12.37 2.99
CA ARG C 31 -6.39 11.24 3.90
C ARG C 31 -5.94 11.75 5.22
N PHE C 32 -6.58 11.33 6.30
CA PHE C 32 -6.12 11.77 7.61
C PHE C 32 -4.82 11.02 7.89
N PRO C 33 -4.11 11.39 8.96
CA PRO C 33 -2.86 10.70 9.27
C PRO C 33 -2.95 9.19 9.29
N ASP C 34 -4.05 8.66 9.82
CA ASP C 34 -4.24 7.23 9.89
C ASP C 34 -4.69 6.59 8.58
N ASN C 35 -4.86 7.41 7.56
CA ASN C 35 -5.24 6.97 6.23
C ASN C 35 -6.72 6.93 5.91
N GLU C 36 -7.56 7.39 6.82
CA GLU C 36 -8.99 7.40 6.55
C GLU C 36 -9.32 8.43 5.49
N ILE C 37 -10.35 8.16 4.70
CA ILE C 37 -10.74 9.06 3.64
C ILE C 37 -11.56 10.24 4.13
N TYR C 38 -11.30 11.42 3.54
CA TYR C 38 -12.00 12.65 3.89
C TYR C 38 -12.51 13.34 2.64
N VAL C 39 -13.83 13.51 2.55
CA VAL C 39 -14.39 14.19 1.40
C VAL C 39 -15.20 15.38 1.89
N ARG C 40 -15.18 16.45 1.11
CA ARG C 40 -15.92 17.66 1.42
C ARG C 40 -16.30 18.39 0.15
N ILE C 41 -17.57 18.74 0.02
CA ILE C 41 -18.02 19.47 -1.16
C ILE C 41 -17.71 20.93 -0.92
N VAL C 42 -16.70 21.44 -1.61
CA VAL C 42 -16.29 22.83 -1.43
C VAL C 42 -17.27 23.84 -2.03
N ASP C 43 -17.65 23.64 -3.29
CA ASP C 43 -18.58 24.55 -3.94
C ASP C 43 -20.02 24.37 -3.44
N GLU C 44 -20.85 25.37 -3.71
CA GLU C 44 -22.25 25.34 -3.29
C GLU C 44 -23.07 24.55 -4.29
N ILE C 45 -23.98 23.72 -3.79
CA ILE C 45 -24.80 22.90 -4.66
C ILE C 45 -26.27 23.30 -4.67
N ASN C 46 -26.65 24.14 -5.63
CA ASN C 46 -28.03 24.60 -5.76
C ASN C 46 -28.85 23.49 -6.41
N ASP C 47 -28.37 23.06 -7.59
CA ASP C 47 -29.02 21.99 -8.34
C ASP C 47 -29.25 20.81 -7.40
N ASP C 48 -30.29 20.02 -7.66
CA ASP C 48 -30.59 18.88 -6.80
C ASP C 48 -30.41 17.53 -7.49
N GLU C 49 -29.59 17.51 -8.53
CA GLU C 49 -29.29 16.26 -9.26
C GLU C 49 -27.78 16.24 -9.56
N ALA C 50 -27.08 15.30 -8.94
CA ALA C 50 -25.64 15.19 -9.11
C ALA C 50 -25.19 13.91 -9.77
N VAL C 51 -24.03 13.99 -10.44
CA VAL C 51 -23.45 12.84 -11.14
C VAL C 51 -22.05 12.63 -10.57
N ILE C 52 -21.83 11.47 -9.95
CA ILE C 52 -20.53 11.14 -9.37
C ILE C 52 -19.75 10.27 -10.33
N ILE C 53 -18.56 10.71 -10.71
CA ILE C 53 -17.74 9.92 -11.61
C ILE C 53 -16.48 9.51 -10.85
N ASN C 54 -16.41 8.23 -10.51
CA ASN C 54 -15.28 7.70 -9.78
C ASN C 54 -15.07 6.22 -10.10
N THR C 55 -14.04 5.92 -10.88
CA THR C 55 -13.75 4.53 -11.26
C THR C 55 -13.16 3.79 -10.06
N GLN C 56 -13.16 2.47 -10.10
CA GLN C 56 -12.67 1.72 -8.94
C GLN C 56 -11.42 0.86 -9.14
N LYS C 57 -10.28 1.50 -9.43
CA LYS C 57 -9.02 0.79 -9.61
C LYS C 57 -8.59 0.32 -8.23
N ASN C 58 -8.82 1.17 -7.25
CA ASN C 58 -8.53 0.81 -5.87
C ASN C 58 -9.89 0.49 -5.34
N GLN C 59 -10.31 -0.73 -5.64
CA GLN C 59 -11.62 -1.25 -5.27
C GLN C 59 -12.20 -0.74 -3.96
N ASN C 60 -11.66 -1.18 -2.84
CA ASN C 60 -12.21 -0.76 -1.57
C ASN C 60 -12.20 0.73 -1.29
N ASP C 61 -11.11 1.41 -1.63
CA ASP C 61 -11.09 2.85 -1.39
C ASP C 61 -12.22 3.53 -2.15
N ALA C 62 -12.43 3.12 -3.39
CA ALA C 62 -13.47 3.70 -4.22
C ALA C 62 -14.85 3.48 -3.65
N ILE C 63 -15.10 2.29 -3.13
CA ILE C 63 -16.39 1.97 -2.56
C ILE C 63 -16.70 2.83 -1.34
N VAL C 64 -15.75 2.93 -0.40
CA VAL C 64 -15.98 3.74 0.78
C VAL C 64 -16.04 5.23 0.47
N GLU C 65 -15.22 5.70 -0.46
CA GLU C 65 -15.25 7.12 -0.82
C GLU C 65 -16.58 7.49 -1.45
N THR C 66 -17.17 6.54 -2.17
CA THR C 66 -18.45 6.78 -2.82
C THR C 66 -19.52 6.84 -1.74
N ILE C 67 -19.43 5.94 -0.76
CA ILE C 67 -20.38 5.91 0.33
C ILE C 67 -20.36 7.24 1.09
N LEU C 68 -19.19 7.83 1.25
CA LEU C 68 -19.10 9.10 1.95
C LEU C 68 -19.57 10.29 1.11
N LEU C 69 -19.28 10.29 -0.19
CA LEU C 69 -19.68 11.39 -1.07
C LEU C 69 -21.20 11.50 -1.14
N CYS C 70 -21.87 10.35 -1.16
CA CYS C 70 -23.32 10.32 -1.23
C CYS C 70 -23.89 10.96 0.00
N ASP C 71 -23.35 10.58 1.16
CA ASP C 71 -23.81 11.13 2.42
C ASP C 71 -23.69 12.66 2.43
N ALA C 72 -22.61 13.18 1.84
CA ALA C 72 -22.39 14.62 1.80
C ALA C 72 -23.31 15.34 0.81
N LEU C 73 -23.65 14.66 -0.29
CA LEU C 73 -24.53 15.25 -1.28
C LEU C 73 -25.99 15.25 -0.84
N ARG C 74 -26.45 14.20 -0.20
CA ARG C 74 -27.83 14.17 0.27
C ARG C 74 -27.99 15.29 1.26
N ASP C 75 -26.99 15.42 2.13
CA ASP C 75 -26.92 16.42 3.18
C ASP C 75 -26.81 17.83 2.62
N GLU C 76 -26.84 17.96 1.30
CA GLU C 76 -26.67 19.25 0.64
C GLU C 76 -27.89 19.50 -0.24
N GLY C 77 -28.86 18.61 -0.15
CA GLY C 77 -30.06 18.69 -0.97
C GLY C 77 -30.07 17.49 -1.90
N VAL C 78 -29.59 17.71 -3.12
CA VAL C 78 -29.51 16.67 -4.15
C VAL C 78 -30.49 15.50 -3.97
N LYS C 79 -31.58 15.51 -4.73
CA LYS C 79 -32.60 14.45 -4.66
C LYS C 79 -32.23 13.22 -5.50
N LYS C 80 -31.40 13.41 -6.51
CA LYS C 80 -31.01 12.30 -7.35
C LYS C 80 -29.49 12.27 -7.59
N ILE C 81 -28.87 11.14 -7.25
CA ILE C 81 -27.44 10.93 -7.42
C ILE C 81 -27.23 9.79 -8.39
N THR C 82 -26.50 10.05 -9.47
CA THR C 82 -26.18 9.04 -10.48
C THR C 82 -24.69 8.72 -10.32
N LEU C 83 -24.36 7.46 -10.08
CA LEU C 83 -22.97 7.05 -9.91
C LEU C 83 -22.38 6.45 -11.19
N VAL C 84 -21.32 7.09 -11.69
CA VAL C 84 -20.62 6.60 -12.88
C VAL C 84 -19.33 5.95 -12.39
N ALA C 85 -19.28 4.62 -12.48
CA ALA C 85 -18.10 3.88 -12.07
C ALA C 85 -17.58 3.15 -13.31
N PRO C 86 -16.80 3.85 -14.15
CA PRO C 86 -16.24 3.27 -15.37
C PRO C 86 -15.83 1.82 -15.17
N TYR C 87 -14.91 1.58 -14.25
CA TYR C 87 -14.50 0.22 -13.95
C TYR C 87 -15.22 -0.15 -12.65
N LEU C 88 -16.07 -1.17 -12.69
CA LEU C 88 -16.81 -1.58 -11.50
C LEU C 88 -16.15 -2.78 -10.86
N ALA C 89 -15.57 -2.55 -9.69
CA ALA C 89 -14.88 -3.61 -8.95
C ALA C 89 -15.81 -4.73 -8.54
N TYR C 90 -15.23 -5.89 -8.23
CA TYR C 90 -15.95 -7.06 -7.77
C TYR C 90 -17.00 -7.65 -8.72
N ALA C 91 -17.00 -7.20 -9.97
CA ALA C 91 -17.97 -7.69 -10.95
C ALA C 91 -17.68 -9.12 -11.40
N ARG C 92 -16.47 -9.61 -11.18
CA ARG C 92 -16.16 -10.97 -11.57
C ARG C 92 -16.75 -12.00 -10.60
N GLN C 93 -17.34 -11.55 -9.50
CA GLN C 93 -17.97 -12.47 -8.56
C GLN C 93 -19.46 -12.56 -8.91
N ASP C 94 -19.75 -13.13 -10.08
CA ASP C 94 -21.11 -13.30 -10.56
C ASP C 94 -21.95 -14.16 -9.64
N LYS C 95 -21.40 -15.32 -9.31
CA LYS C 95 -22.10 -16.31 -8.54
C LYS C 95 -21.22 -17.04 -7.54
N LYS C 96 -21.80 -18.04 -6.87
CA LYS C 96 -21.05 -18.85 -5.92
C LYS C 96 -20.33 -19.93 -6.71
N PHE C 97 -19.04 -19.76 -6.92
CA PHE C 97 -18.26 -20.75 -7.66
C PHE C 97 -17.86 -21.90 -6.74
N ASN C 98 -18.27 -21.82 -5.47
CA ASN C 98 -17.96 -22.84 -4.47
C ASN C 98 -18.86 -22.63 -3.27
N PRO C 99 -19.11 -23.69 -2.52
CA PRO C 99 -19.97 -23.54 -1.35
C PRO C 99 -19.28 -22.70 -0.30
N GLY C 100 -19.99 -21.69 0.21
CA GLY C 100 -19.44 -20.83 1.23
C GLY C 100 -18.89 -19.50 0.69
N GLU C 101 -18.77 -19.39 -0.62
CA GLU C 101 -18.27 -18.16 -1.21
C GLU C 101 -19.33 -17.08 -1.14
N ALA C 102 -18.88 -15.84 -1.20
CA ALA C 102 -19.76 -14.70 -1.14
C ALA C 102 -19.90 -14.11 -2.53
N ILE C 103 -21.14 -13.81 -2.95
CA ILE C 103 -21.33 -13.20 -4.26
C ILE C 103 -21.12 -11.71 -4.05
N SER C 104 -19.86 -11.29 -4.20
CA SER C 104 -19.45 -9.91 -3.96
C SER C 104 -20.25 -8.79 -4.62
N ILE C 105 -20.37 -8.85 -5.95
CA ILE C 105 -21.10 -7.81 -6.66
C ILE C 105 -22.57 -7.73 -6.23
N ARG C 106 -23.11 -8.82 -5.71
CA ARG C 106 -24.48 -8.84 -5.23
C ARG C 106 -24.59 -8.02 -3.94
N ALA C 107 -23.66 -8.28 -3.02
CA ALA C 107 -23.64 -7.58 -1.75
C ALA C 107 -23.48 -6.08 -1.97
N LEU C 108 -22.57 -5.71 -2.87
CA LEU C 108 -22.33 -4.30 -3.14
C LEU C 108 -23.47 -3.68 -3.95
N ALA C 109 -24.13 -4.49 -4.77
CA ALA C 109 -25.24 -3.99 -5.58
C ALA C 109 -26.30 -3.49 -4.61
N LYS C 110 -26.50 -4.23 -3.53
CA LYS C 110 -27.47 -3.87 -2.53
C LYS C 110 -27.14 -2.51 -1.93
N ILE C 111 -25.85 -2.26 -1.71
CA ILE C 111 -25.44 -1.00 -1.12
C ILE C 111 -25.62 0.14 -2.10
N TYR C 112 -25.19 -0.07 -3.34
CA TYR C 112 -25.33 0.96 -4.36
C TYR C 112 -26.81 1.30 -4.52
N SER C 113 -27.65 0.30 -4.37
CA SER C 113 -29.09 0.49 -4.51
C SER C 113 -29.68 1.39 -3.42
N ASN C 114 -29.06 1.43 -2.24
CA ASN C 114 -29.59 2.28 -1.18
C ASN C 114 -28.91 3.62 -1.06
N ILE C 115 -27.85 3.86 -1.84
CA ILE C 115 -27.15 5.14 -1.75
C ILE C 115 -27.15 5.98 -3.01
N VAL C 116 -27.38 5.34 -4.16
CA VAL C 116 -27.46 6.07 -5.42
C VAL C 116 -28.73 5.66 -6.15
N ASP C 117 -29.24 6.55 -6.99
CA ASP C 117 -30.46 6.26 -7.69
C ASP C 117 -30.25 5.61 -9.04
N LYS C 118 -29.02 5.68 -9.54
CA LYS C 118 -28.70 5.10 -10.83
C LYS C 118 -27.21 4.78 -10.93
N LEU C 119 -26.87 3.67 -11.59
CA LEU C 119 -25.48 3.29 -11.74
C LEU C 119 -25.13 3.06 -13.20
N ILE C 120 -24.07 3.72 -13.65
CA ILE C 120 -23.60 3.59 -15.02
C ILE C 120 -22.15 3.10 -15.01
N THR C 121 -21.88 2.03 -15.76
CA THR C 121 -20.53 1.50 -15.81
C THR C 121 -20.20 1.14 -17.25
N ILE C 122 -18.91 0.98 -17.57
CA ILE C 122 -18.48 0.64 -18.92
C ILE C 122 -17.97 -0.79 -19.01
N ASN C 123 -18.57 -1.56 -19.92
CA ASN C 123 -18.19 -2.95 -20.16
C ASN C 123 -17.97 -3.82 -18.92
N PRO C 124 -19.04 -4.13 -18.18
CA PRO C 124 -18.92 -4.97 -16.98
C PRO C 124 -18.49 -6.37 -17.40
N HIS C 125 -17.91 -7.12 -16.48
CA HIS C 125 -17.47 -8.49 -16.77
C HIS C 125 -18.66 -9.30 -17.25
N GLU C 126 -19.82 -9.03 -16.64
CA GLU C 126 -21.07 -9.72 -16.93
C GLU C 126 -22.22 -8.76 -16.75
N THR C 127 -23.10 -8.69 -17.73
CA THR C 127 -24.24 -7.77 -17.64
C THR C 127 -25.38 -8.31 -16.80
N HIS C 128 -25.39 -9.63 -16.58
CA HIS C 128 -26.47 -10.23 -15.80
C HIS C 128 -26.46 -9.69 -14.37
N ILE C 129 -25.33 -9.14 -13.95
CA ILE C 129 -25.21 -8.62 -12.59
C ILE C 129 -26.23 -7.51 -12.34
N LYS C 130 -26.96 -7.10 -13.38
CA LYS C 130 -27.96 -6.05 -13.17
C LYS C 130 -29.11 -6.59 -12.33
N ASP C 131 -29.31 -7.90 -12.41
CA ASP C 131 -30.39 -8.52 -11.66
C ASP C 131 -30.26 -8.21 -10.17
N PHE C 132 -29.02 -7.96 -9.73
CA PHE C 132 -28.76 -7.67 -8.32
C PHE C 132 -29.12 -6.25 -7.89
N PHE C 133 -29.39 -5.37 -8.85
CA PHE C 133 -29.71 -3.98 -8.53
C PHE C 133 -31.20 -3.63 -8.48
N THR C 134 -31.61 -2.94 -7.42
CA THR C 134 -33.00 -2.53 -7.31
C THR C 134 -33.09 -1.10 -7.88
N ILE C 135 -32.10 -0.73 -8.68
CA ILE C 135 -32.06 0.58 -9.33
C ILE C 135 -31.63 0.42 -10.78
N PRO C 136 -31.78 1.48 -11.57
CA PRO C 136 -31.40 1.42 -12.98
C PRO C 136 -29.91 1.06 -13.12
N PHE C 137 -29.60 0.03 -13.90
CA PHE C 137 -28.20 -0.37 -14.11
C PHE C 137 -27.82 -0.22 -15.58
N ILE C 138 -27.14 0.87 -15.93
CA ILE C 138 -26.74 1.14 -17.30
C ILE C 138 -25.30 0.75 -17.58
N TYR C 139 -25.03 0.21 -18.77
CA TYR C 139 -23.68 -0.18 -19.15
C TYR C 139 -23.38 0.22 -20.58
N GLY C 140 -22.42 1.10 -20.76
CA GLY C 140 -22.05 1.56 -22.09
C GLY C 140 -20.97 0.65 -22.66
N ASP C 141 -20.55 0.90 -23.90
CA ASP C 141 -19.53 0.08 -24.53
C ASP C 141 -18.43 0.90 -25.19
N ALA C 142 -17.19 0.63 -24.81
CA ALA C 142 -16.07 1.36 -25.35
C ALA C 142 -15.39 0.70 -26.53
N VAL C 143 -15.75 -0.55 -26.82
CA VAL C 143 -15.12 -1.25 -27.94
C VAL C 143 -15.05 -0.38 -29.18
N PRO C 144 -16.15 0.32 -29.51
CA PRO C 144 -16.18 1.19 -30.68
C PRO C 144 -15.08 2.28 -30.68
N LYS C 145 -14.82 2.89 -29.53
CA LYS C 145 -13.78 3.91 -29.45
C LYS C 145 -12.42 3.27 -29.67
N LEU C 146 -12.32 2.00 -29.28
CA LEU C 146 -11.10 1.26 -29.43
C LEU C 146 -10.92 0.94 -30.90
N ALA C 147 -11.99 0.45 -31.53
CA ALA C 147 -11.96 0.11 -32.95
C ALA C 147 -11.56 1.34 -33.75
N GLU C 148 -12.14 2.49 -33.41
CA GLU C 148 -11.81 3.73 -34.09
C GLU C 148 -10.35 4.13 -33.94
N TYR C 149 -9.78 3.94 -32.75
CA TYR C 149 -8.38 4.28 -32.49
C TYR C 149 -7.41 3.58 -33.45
N VAL C 150 -7.63 2.29 -33.68
CA VAL C 150 -6.74 1.50 -34.52
C VAL C 150 -7.08 1.44 -36.00
N LYS C 151 -8.31 1.80 -36.37
CA LYS C 151 -8.74 1.75 -37.78
C LYS C 151 -7.76 2.55 -38.61
N ASP C 152 -7.18 3.55 -37.96
CA ASP C 152 -6.22 4.43 -38.57
C ASP C 152 -4.87 3.76 -38.81
N LYS C 153 -4.45 2.86 -37.92
CA LYS C 153 -3.14 2.22 -38.06
C LYS C 153 -3.06 0.71 -38.35
N LEU C 154 -4.04 0.16 -39.05
CA LEU C 154 -4.00 -1.26 -39.41
C LEU C 154 -4.48 -1.50 -40.86
N ASN C 155 -3.55 -1.94 -41.71
CA ASN C 155 -3.84 -2.21 -43.12
C ASN C 155 -4.77 -3.43 -43.30
N ASP C 156 -6.04 -3.16 -43.63
CA ASP C 156 -7.05 -4.21 -43.81
C ASP C 156 -6.76 -5.40 -42.88
N PRO C 157 -7.15 -5.29 -41.61
CA PRO C 157 -6.91 -6.38 -40.67
C PRO C 157 -8.13 -7.27 -40.47
N ILE C 158 -8.00 -8.16 -39.50
CA ILE C 158 -9.07 -9.07 -39.11
C ILE C 158 -9.20 -8.91 -37.59
N VAL C 159 -10.42 -8.78 -37.10
CA VAL C 159 -10.64 -8.63 -35.68
C VAL C 159 -10.69 -10.02 -35.03
N LEU C 160 -10.04 -10.18 -33.88
CA LEU C 160 -10.04 -11.47 -33.21
C LEU C 160 -10.38 -11.39 -31.74
N ALA C 161 -11.22 -12.30 -31.27
CA ALA C 161 -11.58 -12.35 -29.87
C ALA C 161 -10.73 -13.49 -29.30
N PRO C 162 -9.88 -13.19 -28.30
CA PRO C 162 -9.00 -14.19 -27.68
C PRO C 162 -9.74 -15.48 -27.36
N ASP C 163 -10.92 -15.37 -26.75
CA ASP C 163 -11.72 -16.53 -26.41
C ASP C 163 -13.11 -16.37 -26.99
N LYS C 164 -13.82 -17.48 -27.17
CA LYS C 164 -15.16 -17.45 -27.73
C LYS C 164 -16.10 -16.46 -27.02
N GLY C 165 -15.86 -16.24 -25.72
CA GLY C 165 -16.70 -15.32 -24.96
C GLY C 165 -16.48 -13.85 -25.24
N ALA C 166 -15.38 -13.54 -25.93
CA ALA C 166 -15.04 -12.17 -26.29
C ALA C 166 -15.46 -11.90 -27.73
N LEU C 167 -16.15 -12.87 -28.32
CA LEU C 167 -16.57 -12.75 -29.70
C LEU C 167 -17.35 -11.47 -29.98
N GLU C 168 -18.30 -11.16 -29.11
CA GLU C 168 -19.14 -9.96 -29.24
C GLU C 168 -18.33 -8.67 -29.47
N PHE C 169 -17.23 -8.53 -28.75
CA PHE C 169 -16.36 -7.35 -28.89
C PHE C 169 -15.71 -7.35 -30.26
N ALA C 170 -15.26 -8.53 -30.68
CA ALA C 170 -14.62 -8.72 -31.98
C ALA C 170 -15.56 -8.27 -33.07
N LYS C 171 -16.78 -8.80 -33.02
CA LYS C 171 -17.79 -8.45 -34.02
C LYS C 171 -18.01 -6.93 -34.05
N THR C 172 -18.30 -6.35 -32.88
CA THR C 172 -18.53 -4.91 -32.76
C THR C 172 -17.42 -4.11 -33.46
N ALA C 173 -16.17 -4.39 -33.11
CA ALA C 173 -15.06 -3.68 -33.71
C ALA C 173 -15.03 -3.99 -35.21
N SER C 174 -15.35 -5.24 -35.54
CA SER C 174 -15.36 -5.74 -36.92
C SER C 174 -16.23 -4.85 -37.80
N LYS C 175 -17.38 -4.50 -37.27
CA LYS C 175 -18.33 -3.65 -37.96
C LYS C 175 -17.72 -2.27 -38.30
N ILE C 176 -17.12 -1.62 -37.31
CA ILE C 176 -16.53 -0.29 -37.48
C ILE C 176 -15.28 -0.25 -38.35
N LEU C 177 -14.69 -1.41 -38.59
CA LEU C 177 -13.48 -1.50 -39.41
C LEU C 177 -13.77 -2.19 -40.76
N ASN C 178 -15.01 -2.68 -40.90
CA ASN C 178 -15.45 -3.36 -42.12
C ASN C 178 -14.66 -4.63 -42.38
N ALA C 179 -13.86 -5.04 -41.40
CA ALA C 179 -13.06 -6.25 -41.53
C ALA C 179 -13.90 -7.45 -41.10
N GLU C 180 -13.29 -8.63 -41.18
CA GLU C 180 -13.96 -9.87 -40.80
C GLU C 180 -13.53 -10.18 -39.36
N TYR C 181 -14.41 -10.82 -38.61
CA TYR C 181 -14.04 -11.16 -37.24
C TYR C 181 -14.03 -12.66 -37.06
N ASP C 182 -13.69 -13.12 -35.85
CA ASP C 182 -13.60 -14.54 -35.56
C ASP C 182 -12.99 -14.65 -34.16
N TYR C 183 -12.83 -15.87 -33.66
CA TYR C 183 -12.26 -16.06 -32.34
C TYR C 183 -11.34 -17.27 -32.31
N LEU C 184 -10.44 -17.29 -31.34
CA LEU C 184 -9.52 -18.41 -31.20
C LEU C 184 -10.25 -19.50 -30.41
N GLU C 185 -9.98 -20.75 -30.73
CA GLU C 185 -10.64 -21.86 -30.07
C GLU C 185 -9.63 -22.91 -29.62
N ILE C 196 -5.07 -24.82 -30.48
CA ILE C 196 -5.60 -23.46 -30.50
C ILE C 196 -5.31 -22.77 -31.81
N ALA C 197 -6.35 -22.18 -32.40
CA ALA C 197 -6.23 -21.46 -33.66
C ALA C 197 -7.58 -20.81 -33.99
N PRO C 198 -7.59 -19.83 -34.90
CA PRO C 198 -8.85 -19.18 -35.24
C PRO C 198 -9.87 -20.13 -35.82
N LYS C 199 -11.06 -20.14 -35.21
CA LYS C 199 -12.17 -21.00 -35.60
C LYS C 199 -12.44 -21.03 -37.11
N THR C 200 -12.08 -19.96 -37.81
CA THR C 200 -12.31 -19.89 -39.26
C THR C 200 -11.15 -19.22 -40.01
N LEU C 201 -11.16 -17.89 -40.07
CA LEU C 201 -10.13 -17.11 -40.76
C LEU C 201 -8.70 -17.58 -40.46
N ASP C 202 -7.76 -17.08 -41.26
CA ASP C 202 -6.34 -17.42 -41.10
C ASP C 202 -5.49 -16.14 -41.04
N ALA C 203 -4.60 -16.09 -40.07
CA ALA C 203 -3.75 -14.91 -39.85
C ALA C 203 -2.65 -14.71 -40.89
N LYS C 204 -2.30 -15.77 -41.63
CA LYS C 204 -1.25 -15.68 -42.62
C LYS C 204 -1.19 -14.33 -43.37
N ASP C 205 -0.03 -13.68 -43.24
CA ASP C 205 0.27 -12.38 -43.86
C ASP C 205 -0.73 -11.22 -43.66
N ARG C 206 -1.48 -11.24 -42.57
CA ARG C 206 -2.44 -10.16 -42.33
C ARG C 206 -2.22 -9.39 -41.00
N ASP C 207 -2.70 -8.14 -40.97
CA ASP C 207 -2.61 -7.31 -39.77
C ASP C 207 -3.74 -7.79 -38.87
N VAL C 208 -3.49 -7.86 -37.56
CA VAL C 208 -4.52 -8.35 -36.64
C VAL C 208 -4.85 -7.43 -35.47
N PHE C 209 -6.14 -7.30 -35.22
CA PHE C 209 -6.64 -6.48 -34.12
C PHE C 209 -7.37 -7.40 -33.14
N ILE C 210 -6.73 -7.66 -32.00
CA ILE C 210 -7.32 -8.52 -30.99
C ILE C 210 -7.93 -7.64 -29.91
N VAL C 211 -9.21 -7.80 -29.66
CA VAL C 211 -9.88 -7.01 -28.64
C VAL C 211 -10.54 -7.92 -27.60
N ASP C 212 -10.48 -7.50 -26.34
CA ASP C 212 -11.07 -8.26 -25.23
C ASP C 212 -11.50 -7.21 -24.22
N ASP C 213 -12.30 -7.58 -23.23
CA ASP C 213 -12.72 -6.56 -22.29
C ASP C 213 -11.66 -6.23 -21.25
N ILE C 214 -10.92 -7.24 -20.79
CA ILE C 214 -9.88 -7.02 -19.80
C ILE C 214 -8.57 -7.76 -20.12
N ILE C 215 -7.45 -7.14 -19.73
CA ILE C 215 -6.13 -7.74 -19.87
C ILE C 215 -5.56 -7.58 -18.44
N SER C 216 -5.58 -8.67 -17.68
CA SER C 216 -5.10 -8.65 -16.30
C SER C 216 -3.62 -9.03 -16.20
N THR C 217 -3.35 -10.33 -16.19
CA THR C 217 -1.97 -10.81 -16.10
C THR C 217 -1.34 -10.76 -17.48
N GLY C 218 -2.19 -10.80 -18.50
CA GLY C 218 -1.72 -10.76 -19.87
C GLY C 218 -1.51 -12.12 -20.50
N GLY C 219 -1.81 -13.19 -19.76
CA GLY C 219 -1.63 -14.54 -20.26
C GLY C 219 -2.52 -14.88 -21.45
N THR C 220 -3.77 -14.40 -21.44
CA THR C 220 -4.69 -14.67 -22.54
C THR C 220 -4.16 -14.09 -23.86
N MET C 221 -3.85 -12.79 -23.86
CA MET C 221 -3.33 -12.14 -25.07
C MET C 221 -1.94 -12.65 -25.45
N ALA C 222 -1.02 -12.72 -24.49
CA ALA C 222 0.34 -13.18 -24.77
C ALA C 222 0.28 -14.45 -25.62
N THR C 223 -0.65 -15.33 -25.26
CA THR C 223 -0.85 -16.59 -25.97
C THR C 223 -1.33 -16.36 -27.40
N ALA C 224 -2.41 -15.61 -27.53
CA ALA C 224 -2.95 -15.30 -28.83
C ALA C 224 -1.85 -14.67 -29.69
N VAL C 225 -1.21 -13.62 -29.18
CA VAL C 225 -0.16 -12.95 -29.93
C VAL C 225 0.94 -13.92 -30.39
N LYS C 226 1.52 -14.66 -29.46
CA LYS C 226 2.59 -15.59 -29.82
C LYS C 226 2.15 -16.51 -30.95
N LEU C 227 0.97 -17.11 -30.78
CA LEU C 227 0.43 -18.03 -31.78
C LEU C 227 0.27 -17.37 -33.15
N LEU C 228 -0.56 -16.33 -33.19
CA LEU C 228 -0.81 -15.61 -34.44
C LEU C 228 0.48 -15.26 -35.17
N LYS C 229 1.52 -14.90 -34.42
CA LYS C 229 2.80 -14.57 -35.04
C LYS C 229 3.36 -15.83 -35.70
N GLU C 230 3.29 -16.95 -34.99
CA GLU C 230 3.79 -18.23 -35.50
C GLU C 230 2.99 -18.65 -36.74
N GLN C 231 1.79 -18.08 -36.89
CA GLN C 231 0.94 -18.36 -38.04
C GLN C 231 1.21 -17.38 -39.17
N GLY C 232 2.25 -16.56 -39.00
CA GLY C 232 2.61 -15.58 -40.01
C GLY C 232 1.81 -14.28 -40.04
N ALA C 233 1.21 -13.89 -38.92
CA ALA C 233 0.44 -12.64 -38.90
C ALA C 233 1.46 -11.50 -39.00
N LYS C 234 1.00 -10.33 -39.43
CA LYS C 234 1.92 -9.20 -39.58
C LYS C 234 1.82 -8.24 -38.40
N LYS C 235 1.28 -7.04 -38.61
CA LYS C 235 1.17 -6.06 -37.52
C LYS C 235 -0.02 -6.41 -36.61
N ILE C 236 0.26 -6.59 -35.32
CA ILE C 236 -0.79 -6.92 -34.36
C ILE C 236 -0.95 -5.86 -33.27
N ILE C 237 -2.19 -5.48 -33.02
CA ILE C 237 -2.50 -4.51 -31.97
C ILE C 237 -3.51 -5.11 -31.01
N ALA C 238 -3.18 -5.10 -29.73
CA ALA C 238 -4.07 -5.63 -28.72
C ALA C 238 -4.77 -4.50 -27.97
N ALA C 239 -6.09 -4.57 -27.89
CA ALA C 239 -6.85 -3.56 -27.19
C ALA C 239 -7.79 -4.17 -26.17
N CYS C 240 -8.17 -3.38 -25.19
CA CYS C 240 -9.08 -3.83 -24.14
C CYS C 240 -9.68 -2.59 -23.51
N VAL C 241 -10.87 -2.75 -22.92
CA VAL C 241 -11.52 -1.63 -22.27
C VAL C 241 -10.80 -1.27 -20.97
N HIS C 242 -10.56 -2.28 -20.12
CA HIS C 242 -9.92 -2.09 -18.84
C HIS C 242 -8.50 -2.68 -18.78
N PRO C 243 -7.47 -1.82 -18.93
CA PRO C 243 -6.08 -2.28 -18.90
C PRO C 243 -5.49 -2.50 -17.51
N VAL C 244 -5.99 -3.50 -16.78
CA VAL C 244 -5.49 -3.79 -15.43
C VAL C 244 -3.97 -4.04 -15.50
N LEU C 245 -3.54 -4.72 -16.55
CA LEU C 245 -2.13 -5.01 -16.79
C LEU C 245 -1.27 -5.17 -15.54
N ILE C 246 -1.49 -6.27 -14.81
CA ILE C 246 -0.75 -6.55 -13.59
C ILE C 246 0.70 -6.93 -13.83
N GLY C 247 1.57 -6.44 -12.95
CA GLY C 247 2.98 -6.76 -13.02
C GLY C 247 3.69 -6.52 -14.34
N ASP C 248 4.25 -7.59 -14.90
CA ASP C 248 4.96 -7.48 -16.16
C ASP C 248 4.10 -7.79 -17.39
N ALA C 249 2.79 -7.71 -17.21
CA ALA C 249 1.85 -7.98 -18.30
C ALA C 249 2.27 -7.33 -19.61
N LEU C 250 2.55 -6.04 -19.59
CA LEU C 250 2.94 -5.33 -20.80
C LEU C 250 4.20 -5.90 -21.43
N ASN C 251 5.24 -6.05 -20.62
CA ASN C 251 6.49 -6.57 -21.12
C ASN C 251 6.23 -7.92 -21.77
N LYS C 252 5.29 -8.66 -21.19
CA LYS C 252 4.93 -9.97 -21.68
C LYS C 252 4.39 -9.89 -23.10
N LEU C 253 3.45 -8.99 -23.34
CA LEU C 253 2.84 -8.79 -24.65
C LEU C 253 3.84 -8.26 -25.67
N TYR C 254 4.64 -7.29 -25.24
CA TYR C 254 5.64 -6.69 -26.12
C TYR C 254 6.62 -7.74 -26.63
N SER C 255 7.02 -8.65 -25.76
CA SER C 255 7.95 -9.72 -26.14
C SER C 255 7.25 -10.65 -27.13
N ALA C 256 5.99 -10.93 -26.84
CA ALA C 256 5.20 -11.81 -27.68
C ALA C 256 5.18 -11.29 -29.10
N GLY C 257 5.45 -9.99 -29.25
CA GLY C 257 5.48 -9.39 -30.57
C GLY C 257 4.44 -8.37 -30.96
N VAL C 258 3.52 -8.02 -30.05
CA VAL C 258 2.51 -7.01 -30.39
C VAL C 258 3.21 -5.74 -30.84
N GLU C 259 2.53 -5.00 -31.69
CA GLU C 259 3.04 -3.75 -32.24
C GLU C 259 2.69 -2.64 -31.27
N GLU C 260 1.52 -2.80 -30.63
CA GLU C 260 1.04 -1.85 -29.65
C GLU C 260 -0.07 -2.45 -28.78
N VAL C 261 -0.21 -1.93 -27.57
CA VAL C 261 -1.23 -2.34 -26.63
C VAL C 261 -1.97 -1.04 -26.34
N VAL C 262 -3.29 -1.07 -26.36
CA VAL C 262 -4.07 0.13 -26.11
C VAL C 262 -5.32 -0.16 -25.29
N GLY C 263 -5.53 0.65 -24.25
CA GLY C 263 -6.68 0.51 -23.38
C GLY C 263 -7.34 1.85 -23.14
N THR C 264 -8.48 1.88 -22.45
CA THR C 264 -9.17 3.14 -22.18
C THR C 264 -8.80 3.71 -20.83
N ASP C 265 -9.47 4.80 -20.45
CA ASP C 265 -9.19 5.43 -19.18
C ASP C 265 -10.18 5.06 -18.09
N THR C 266 -10.68 3.84 -18.15
CA THR C 266 -11.59 3.36 -17.11
C THR C 266 -10.71 2.84 -16.00
N TYR C 267 -9.46 2.57 -16.33
CA TYR C 267 -8.49 2.02 -15.38
C TYR C 267 -7.14 2.60 -15.79
N LEU C 268 -6.51 3.35 -14.89
CA LEU C 268 -5.22 3.97 -15.22
C LEU C 268 -4.10 2.98 -15.48
N SER C 269 -3.46 3.14 -16.64
CA SER C 269 -2.34 2.31 -17.05
C SER C 269 -1.43 3.13 -17.95
N GLU C 270 -0.31 2.55 -18.36
CA GLU C 270 0.62 3.27 -19.21
C GLU C 270 0.14 3.28 -20.65
N VAL C 271 -1.01 2.65 -20.91
CA VAL C 271 -1.55 2.59 -22.26
C VAL C 271 -3.02 2.95 -22.33
N SER C 272 -3.45 3.84 -21.44
CA SER C 272 -4.85 4.28 -21.41
C SER C 272 -4.96 5.45 -22.38
N LYS C 273 -4.72 5.17 -23.66
CA LYS C 273 -4.75 6.18 -24.72
C LYS C 273 -6.15 6.58 -25.18
N VAL C 274 -7.14 5.72 -24.98
CA VAL C 274 -8.50 6.04 -25.42
C VAL C 274 -9.39 6.41 -24.26
N SER C 275 -10.22 7.44 -24.43
CA SER C 275 -11.11 7.91 -23.38
C SER C 275 -12.56 7.47 -23.58
N VAL C 276 -13.25 7.23 -22.47
CA VAL C 276 -14.65 6.81 -22.54
C VAL C 276 -15.58 7.98 -22.19
N ALA C 277 -15.00 9.17 -22.10
CA ALA C 277 -15.76 10.37 -21.75
C ALA C 277 -17.08 10.50 -22.51
N GLU C 278 -17.00 10.32 -23.83
CA GLU C 278 -18.17 10.45 -24.68
C GLU C 278 -19.14 9.31 -24.51
N VAL C 279 -18.61 8.10 -24.32
CA VAL C 279 -19.45 6.92 -24.11
C VAL C 279 -20.34 7.18 -22.88
N ILE C 280 -19.75 7.81 -21.88
CA ILE C 280 -20.44 8.12 -20.64
C ILE C 280 -21.47 9.22 -20.84
N VAL C 281 -21.06 10.30 -21.49
CA VAL C 281 -21.98 11.40 -21.74
C VAL C 281 -23.26 10.94 -22.43
N ASP C 282 -23.15 10.05 -23.40
CA ASP C 282 -24.33 9.58 -24.10
C ASP C 282 -25.24 8.72 -23.27
N LEU C 283 -24.78 8.29 -22.10
CA LEU C 283 -25.59 7.43 -21.26
C LEU C 283 -26.30 8.23 -20.19
N LEU C 284 -25.91 9.49 -20.03
CA LEU C 284 -26.51 10.36 -19.04
C LEU C 284 -27.83 10.93 -19.55
N MET D 1 -23.97 -20.28 18.73
CA MET D 1 -23.27 -19.23 17.91
C MET D 1 -21.94 -19.76 17.38
N ILE D 2 -21.53 -19.26 16.23
CA ILE D 2 -20.25 -19.63 15.65
C ILE D 2 -19.44 -18.35 15.60
N VAL D 3 -18.12 -18.47 15.69
CA VAL D 3 -17.27 -17.29 15.64
C VAL D 3 -16.56 -17.26 14.30
N VAL D 4 -16.71 -16.16 13.59
CA VAL D 4 -16.08 -16.02 12.28
C VAL D 4 -14.91 -15.06 12.38
N SER D 5 -13.74 -15.50 11.91
CA SER D 5 -12.56 -14.64 11.95
C SER D 5 -12.51 -13.70 10.77
N GLY D 6 -12.30 -12.43 11.06
CA GLY D 6 -12.15 -11.45 10.01
C GLY D 6 -10.67 -11.61 9.72
N SER D 7 -10.17 -10.98 8.66
CA SER D 7 -8.76 -11.11 8.36
C SER D 7 -7.87 -10.33 9.31
N GLN D 8 -8.41 -9.23 9.82
CA GLN D 8 -7.64 -8.37 10.72
C GLN D 8 -7.68 -8.65 12.22
N SER D 9 -8.42 -9.68 12.63
CA SER D 9 -8.51 -10.03 14.04
C SER D 9 -8.49 -11.53 14.24
N GLN D 10 -7.66 -12.22 13.47
CA GLN D 10 -7.58 -13.67 13.58
C GLN D 10 -7.23 -14.22 14.95
N ASN D 11 -6.33 -13.56 15.67
CA ASN D 11 -5.94 -14.05 16.99
C ASN D 11 -6.94 -13.69 18.08
N LEU D 12 -7.59 -12.55 17.93
CA LEU D 12 -8.57 -12.11 18.91
C LEU D 12 -9.79 -12.99 18.79
N ALA D 13 -10.16 -13.33 17.55
CA ALA D 13 -11.31 -14.17 17.30
C ALA D 13 -11.09 -15.54 17.95
N PHE D 14 -9.86 -16.03 17.86
CA PHE D 14 -9.47 -17.31 18.43
C PHE D 14 -9.59 -17.28 19.94
N LYS D 15 -9.06 -16.23 20.56
CA LYS D 15 -9.10 -16.09 22.00
C LYS D 15 -10.54 -16.01 22.47
N VAL D 16 -11.37 -15.28 21.73
CA VAL D 16 -12.78 -15.12 22.07
C VAL D 16 -13.52 -16.44 21.94
N ALA D 17 -13.28 -17.16 20.86
CA ALA D 17 -13.94 -18.44 20.63
C ALA D 17 -13.49 -19.47 21.66
N LYS D 18 -12.29 -19.28 22.20
CA LYS D 18 -11.71 -20.18 23.18
C LYS D 18 -12.46 -19.94 24.48
N LEU D 19 -12.62 -18.67 24.83
CA LEU D 19 -13.35 -18.30 26.03
C LEU D 19 -14.78 -18.79 25.92
N LEU D 20 -15.35 -18.71 24.72
CA LEU D 20 -16.72 -19.15 24.51
C LEU D 20 -16.80 -20.68 24.36
N ASN D 21 -15.66 -21.36 24.50
CA ASN D 21 -15.63 -22.81 24.37
C ASN D 21 -16.34 -23.25 23.08
N THR D 22 -15.88 -22.71 21.95
CA THR D 22 -16.43 -23.02 20.63
C THR D 22 -15.25 -23.25 19.70
N LYS D 23 -15.50 -23.95 18.60
CA LYS D 23 -14.44 -24.18 17.62
C LYS D 23 -14.52 -23.00 16.64
N LEU D 24 -13.36 -22.50 16.24
CA LEU D 24 -13.29 -21.37 15.32
C LEU D 24 -13.65 -21.84 13.91
N THR D 25 -14.71 -21.25 13.34
CA THR D 25 -15.14 -21.61 12.00
C THR D 25 -14.09 -21.20 10.98
N ARG D 26 -13.48 -22.18 10.31
CA ARG D 26 -12.45 -21.91 9.30
C ARG D 26 -12.99 -21.01 8.21
N VAL D 27 -12.35 -19.86 8.02
CA VAL D 27 -12.79 -18.93 6.98
C VAL D 27 -11.62 -18.58 6.06
N GLU D 28 -11.81 -18.83 4.77
CA GLU D 28 -10.78 -18.57 3.79
C GLU D 28 -10.78 -17.11 3.36
N TYR D 29 -9.59 -16.53 3.30
CA TYR D 29 -9.44 -15.13 2.89
C TYR D 29 -8.19 -15.02 2.03
N LYS D 30 -8.32 -14.36 0.90
CA LYS D 30 -7.21 -14.16 -0.01
C LYS D 30 -7.47 -12.96 -0.90
N ARG D 31 -6.46 -12.55 -1.65
CA ARG D 31 -6.59 -11.43 -2.56
C ARG D 31 -6.37 -11.93 -3.96
N PHE D 32 -7.23 -11.54 -4.89
CA PHE D 32 -7.02 -11.96 -6.26
C PHE D 32 -5.81 -11.17 -6.78
N PRO D 33 -5.31 -11.53 -7.96
CA PRO D 33 -4.15 -10.81 -8.49
C PRO D 33 -4.31 -9.29 -8.50
N ASP D 34 -5.50 -8.79 -8.80
CA ASP D 34 -5.76 -7.36 -8.86
C ASP D 34 -5.96 -6.72 -7.48
N ASN D 35 -5.92 -7.56 -6.45
CA ASN D 35 -6.05 -7.14 -5.07
C ASN D 35 -7.45 -7.15 -4.46
N GLU D 36 -8.44 -7.62 -5.21
CA GLU D 36 -9.79 -7.68 -4.67
C GLU D 36 -9.88 -8.73 -3.56
N ILE D 37 -10.74 -8.50 -2.59
CA ILE D 37 -10.89 -9.42 -1.49
C ILE D 37 -11.74 -10.63 -1.83
N TYR D 38 -11.34 -11.78 -1.29
CA TYR D 38 -12.05 -13.05 -1.51
C TYR D 38 -12.29 -13.76 -0.19
N VAL D 39 -13.56 -13.98 0.14
CA VAL D 39 -13.87 -14.67 1.37
C VAL D 39 -14.71 -15.88 1.06
N ARG D 40 -14.50 -16.94 1.82
CA ARG D 40 -15.23 -18.18 1.66
C ARG D 40 -15.33 -18.91 2.99
N ILE D 41 -16.54 -19.30 3.36
CA ILE D 41 -16.74 -20.04 4.60
C ILE D 41 -16.43 -21.48 4.28
N VAL D 42 -15.31 -21.98 4.77
CA VAL D 42 -14.89 -23.34 4.51
C VAL D 42 -15.69 -24.39 5.28
N ASP D 43 -15.83 -24.21 6.58
CA ASP D 43 -16.59 -25.16 7.40
C ASP D 43 -18.09 -25.03 7.18
N GLU D 44 -18.83 -26.04 7.62
CA GLU D 44 -20.27 -26.06 7.47
C GLU D 44 -20.93 -25.30 8.59
N ILE D 45 -21.94 -24.50 8.27
CA ILE D 45 -22.61 -23.70 9.30
C ILE D 45 -24.05 -24.15 9.59
N ASN D 46 -24.21 -25.02 10.59
CA ASN D 46 -25.53 -25.52 10.98
C ASN D 46 -26.22 -24.42 11.79
N ASP D 47 -25.56 -23.98 12.85
CA ASP D 47 -26.09 -22.93 13.70
C ASP D 47 -26.55 -21.76 12.82
N ASP D 48 -27.54 -21.00 13.28
CA ASP D 48 -28.04 -19.88 12.50
C ASP D 48 -27.78 -18.52 13.14
N GLU D 49 -26.78 -18.47 14.02
CA GLU D 49 -26.39 -17.23 14.67
C GLU D 49 -24.86 -17.16 14.69
N ALA D 50 -24.32 -16.19 13.95
CA ALA D 50 -22.87 -16.03 13.84
C ALA D 50 -22.35 -14.72 14.41
N VAL D 51 -21.10 -14.75 14.86
CA VAL D 51 -20.43 -13.58 15.42
C VAL D 51 -19.19 -13.32 14.59
N ILE D 52 -19.13 -12.15 13.95
CA ILE D 52 -17.97 -11.77 13.14
C ILE D 52 -17.05 -10.87 13.95
N ILE D 53 -15.80 -11.27 14.10
CA ILE D 53 -14.83 -10.46 14.82
C ILE D 53 -13.75 -10.01 13.85
N ASN D 54 -13.79 -8.73 13.49
CA ASN D 54 -12.85 -8.15 12.55
C ASN D 54 -12.64 -6.66 12.83
N THR D 55 -11.49 -6.32 13.41
CA THR D 55 -11.19 -4.93 13.73
C THR D 55 -10.87 -4.18 12.44
N GLN D 56 -10.90 -2.84 12.49
CA GLN D 56 -10.67 -2.07 11.27
C GLN D 56 -9.44 -1.17 11.22
N LYS D 57 -8.26 -1.76 11.32
CA LYS D 57 -7.02 -1.00 11.25
C LYS D 57 -6.88 -0.52 9.80
N ASN D 58 -7.23 -1.39 8.86
CA ASN D 58 -7.23 -1.03 7.46
C ASN D 58 -8.68 -0.77 7.20
N GLN D 59 -9.09 0.43 7.58
CA GLN D 59 -10.45 0.89 7.47
C GLN D 59 -11.26 0.35 6.29
N ASN D 60 -10.96 0.81 5.08
CA ASN D 60 -11.72 0.38 3.93
C ASN D 60 -11.70 -1.11 3.66
N ASP D 61 -10.55 -1.75 3.79
CA ASP D 61 -10.52 -3.19 3.55
C ASP D 61 -11.45 -3.90 4.51
N ALA D 62 -11.42 -3.50 5.77
CA ALA D 62 -12.26 -4.11 6.78
C ALA D 62 -13.75 -3.95 6.46
N ILE D 63 -14.12 -2.76 6.00
CA ILE D 63 -15.51 -2.50 5.69
C ILE D 63 -16.01 -3.39 4.56
N VAL D 64 -15.27 -3.44 3.46
CA VAL D 64 -15.68 -4.27 2.33
C VAL D 64 -15.66 -5.76 2.65
N GLU D 65 -14.64 -6.19 3.38
CA GLU D 65 -14.53 -7.60 3.75
C GLU D 65 -15.71 -8.02 4.62
N THR D 66 -16.19 -7.09 5.44
CA THR D 66 -17.32 -7.36 6.32
C THR D 66 -18.58 -7.48 5.46
N ILE D 67 -18.71 -6.58 4.50
CA ILE D 67 -19.85 -6.59 3.60
C ILE D 67 -19.94 -7.92 2.85
N LEU D 68 -18.80 -8.49 2.49
CA LEU D 68 -18.79 -9.75 1.77
C LEU D 68 -19.03 -10.95 2.68
N LEU D 69 -18.50 -10.92 3.91
CA LEU D 69 -18.69 -12.04 4.84
C LEU D 69 -20.16 -12.20 5.19
N CYS D 70 -20.85 -11.07 5.34
CA CYS D 70 -22.26 -11.10 5.68
C CYS D 70 -23.04 -11.78 4.57
N ASP D 71 -22.75 -11.40 3.34
CA ASP D 71 -23.41 -11.97 2.18
C ASP D 71 -23.21 -13.48 2.14
N ALA D 72 -22.05 -13.95 2.52
CA ALA D 72 -21.78 -15.38 2.51
C ALA D 72 -22.47 -16.11 3.66
N LEU D 73 -22.62 -15.45 4.79
CA LEU D 73 -23.26 -16.05 5.95
C LEU D 73 -24.76 -16.12 5.79
N ARG D 74 -25.38 -15.08 5.24
CA ARG D 74 -26.83 -15.11 5.05
C ARG D 74 -27.15 -16.25 4.09
N ASP D 75 -26.32 -16.36 3.07
CA ASP D 75 -26.44 -17.36 2.02
C ASP D 75 -26.15 -18.75 2.54
N GLU D 76 -25.92 -18.86 3.84
CA GLU D 76 -25.60 -20.14 4.46
C GLU D 76 -26.61 -20.43 5.56
N GLY D 77 -27.61 -19.57 5.65
CA GLY D 77 -28.63 -19.71 6.69
C GLY D 77 -28.52 -18.51 7.59
N VAL D 78 -27.82 -18.70 8.72
CA VAL D 78 -27.58 -17.65 9.71
C VAL D 78 -28.59 -16.49 9.72
N LYS D 79 -29.53 -16.55 10.67
CA LYS D 79 -30.57 -15.54 10.79
C LYS D 79 -30.10 -14.30 11.53
N LYS D 80 -29.09 -14.45 12.38
CA LYS D 80 -28.58 -13.31 13.12
C LYS D 80 -27.05 -13.22 13.08
N ILE D 81 -26.55 -12.07 12.63
CA ILE D 81 -25.12 -11.82 12.53
C ILE D 81 -24.78 -10.66 13.44
N THR D 82 -23.84 -10.89 14.36
CA THR D 82 -23.36 -9.87 15.28
C THR D 82 -21.94 -9.51 14.85
N LEU D 83 -21.70 -8.24 14.57
CA LEU D 83 -20.38 -7.78 14.15
C LEU D 83 -19.59 -7.16 15.29
N VAL D 84 -18.44 -7.75 15.58
CA VAL D 84 -17.55 -7.23 16.61
C VAL D 84 -16.41 -6.52 15.89
N ALA D 85 -16.39 -5.20 15.97
CA ALA D 85 -15.34 -4.41 15.36
C ALA D 85 -14.61 -3.67 16.47
N PRO D 86 -13.66 -4.35 17.15
CA PRO D 86 -12.90 -3.73 18.24
C PRO D 86 -12.60 -2.27 17.97
N TYR D 87 -11.88 -1.99 16.88
CA TYR D 87 -11.58 -0.62 16.52
C TYR D 87 -12.54 -0.28 15.39
N LEU D 88 -13.41 0.70 15.58
CA LEU D 88 -14.38 1.09 14.57
C LEU D 88 -13.90 2.32 13.80
N ALA D 89 -13.53 2.11 12.55
CA ALA D 89 -13.04 3.17 11.69
C ALA D 89 -14.08 4.25 11.46
N TYR D 90 -13.59 5.41 11.05
CA TYR D 90 -14.44 6.55 10.75
C TYR D 90 -15.31 7.10 11.88
N ALA D 91 -15.04 6.68 13.11
CA ALA D 91 -15.82 7.15 14.26
C ALA D 91 -15.52 8.58 14.66
N ARG D 92 -14.40 9.12 14.21
CA ARG D 92 -14.08 10.51 14.55
C ARG D 92 -14.88 11.50 13.71
N GLN D 93 -15.64 11.01 12.72
CA GLN D 93 -16.48 11.90 11.92
C GLN D 93 -17.87 11.94 12.53
N ASP D 94 -17.96 12.49 13.75
CA ASP D 94 -19.20 12.61 14.49
C ASP D 94 -20.22 13.44 13.75
N LYS D 95 -19.78 14.62 13.33
CA LYS D 95 -20.66 15.60 12.69
C LYS D 95 -20.01 16.36 11.55
N LYS D 96 -20.75 17.33 11.01
CA LYS D 96 -20.22 18.15 9.92
C LYS D 96 -19.41 19.27 10.56
N PHE D 97 -18.08 19.15 10.54
CA PHE D 97 -17.22 20.17 11.12
C PHE D 97 -17.06 21.33 10.14
N ASN D 98 -17.69 21.22 8.98
CA ASN D 98 -17.60 22.25 7.95
C ASN D 98 -18.70 22.00 6.94
N PRO D 99 -19.15 23.05 6.27
CA PRO D 99 -20.21 22.87 5.28
C PRO D 99 -19.70 22.05 4.07
N GLY D 100 -20.43 21.00 3.72
CA GLY D 100 -20.06 20.16 2.60
C GLY D 100 -19.40 18.87 3.03
N GLU D 101 -19.01 18.77 4.30
CA GLU D 101 -18.35 17.55 4.79
C GLU D 101 -19.36 16.43 4.90
N ALA D 102 -18.85 15.21 4.88
CA ALA D 102 -19.70 14.03 4.99
C ALA D 102 -19.57 13.45 6.39
N ILE D 103 -20.69 13.10 7.00
CA ILE D 103 -20.62 12.49 8.32
C ILE D 103 -20.39 10.99 8.07
N SER D 104 -19.11 10.63 7.95
CA SER D 104 -18.70 9.26 7.66
C SER D 104 -19.32 8.14 8.47
N ILE D 105 -19.18 8.18 9.80
CA ILE D 105 -19.72 7.13 10.64
C ILE D 105 -21.24 6.99 10.49
N ARG D 106 -21.92 8.06 10.10
CA ARG D 106 -23.35 8.02 9.89
C ARG D 106 -23.67 7.20 8.64
N ALA D 107 -22.95 7.48 7.56
CA ALA D 107 -23.15 6.78 6.31
C ALA D 107 -22.89 5.29 6.49
N LEU D 108 -21.82 4.95 7.20
CA LEU D 108 -21.48 3.55 7.40
C LEU D 108 -22.40 2.89 8.42
N ALA D 109 -22.93 3.68 9.34
CA ALA D 109 -23.85 3.14 10.35
C ALA D 109 -25.07 2.60 9.60
N LYS D 110 -25.48 3.33 8.58
CA LYS D 110 -26.63 2.92 7.77
C LYS D 110 -26.38 1.59 7.09
N ILE D 111 -25.15 1.37 6.65
CA ILE D 111 -24.82 0.13 5.98
C ILE D 111 -24.76 -1.02 7.00
N TYR D 112 -24.10 -0.79 8.12
CA TYR D 112 -24.00 -1.80 9.16
C TYR D 112 -25.40 -2.20 9.59
N SER D 113 -26.30 -1.22 9.62
CA SER D 113 -27.67 -1.47 10.02
C SER D 113 -28.42 -2.38 9.07
N ASN D 114 -28.03 -2.41 7.80
CA ASN D 114 -28.72 -3.29 6.84
C ASN D 114 -28.01 -4.60 6.58
N ILE D 115 -26.83 -4.81 7.16
CA ILE D 115 -26.11 -6.07 6.92
C ILE D 115 -25.84 -6.90 8.16
N VAL D 116 -25.88 -6.27 9.33
CA VAL D 116 -25.69 -7.00 10.59
C VAL D 116 -26.80 -6.61 11.55
N ASP D 117 -27.12 -7.51 12.45
CA ASP D 117 -28.20 -7.26 13.38
C ASP D 117 -27.76 -6.58 14.66
N LYS D 118 -26.45 -6.62 14.93
CA LYS D 118 -25.93 -6.03 16.15
C LYS D 118 -24.47 -5.66 15.96
N LEU D 119 -24.05 -4.54 16.52
CA LEU D 119 -22.66 -4.09 16.42
C LEU D 119 -22.03 -3.84 17.78
N ILE D 120 -20.90 -4.48 18.04
CA ILE D 120 -20.18 -4.33 19.30
C ILE D 120 -18.78 -3.79 19.01
N THR D 121 -18.40 -2.69 19.68
CA THR D 121 -17.08 -2.12 19.49
C THR D 121 -16.49 -1.75 20.85
N ILE D 122 -15.18 -1.54 20.91
CA ILE D 122 -14.52 -1.19 22.16
C ILE D 122 -14.05 0.27 22.16
N ASN D 123 -14.48 1.02 23.16
CA ASN D 123 -14.12 2.43 23.33
C ASN D 123 -14.17 3.31 22.08
N PRO D 124 -15.38 3.57 21.55
CA PRO D 124 -15.52 4.41 20.36
C PRO D 124 -15.06 5.83 20.68
N HIS D 125 -14.71 6.59 19.66
CA HIS D 125 -14.26 7.98 19.86
C HIS D 125 -15.38 8.75 20.57
N GLU D 126 -16.62 8.45 20.19
CA GLU D 126 -17.82 9.08 20.73
C GLU D 126 -18.94 8.06 20.76
N THR D 127 -19.63 7.97 21.90
CA THR D 127 -20.72 7.02 22.02
C THR D 127 -22.02 7.53 21.44
N HIS D 128 -22.13 8.84 21.23
CA HIS D 128 -23.35 9.38 20.66
C HIS D 128 -23.58 8.84 19.25
N ILE D 129 -22.52 8.34 18.61
CA ILE D 129 -22.67 7.79 17.26
C ILE D 129 -23.69 6.65 17.20
N LYS D 130 -24.19 6.21 18.35
CA LYS D 130 -25.16 5.12 18.33
C LYS D 130 -26.48 5.62 17.75
N ASP D 131 -26.70 6.93 17.84
CA ASP D 131 -27.92 7.51 17.31
C ASP D 131 -28.06 7.19 15.82
N PHE D 132 -26.94 7.00 15.16
CA PHE D 132 -26.94 6.70 13.72
C PHE D 132 -27.31 5.28 13.37
N PHE D 133 -27.38 4.39 14.37
CA PHE D 133 -27.70 2.99 14.11
C PHE D 133 -29.13 2.59 14.34
N THR D 134 -29.71 1.88 13.38
CA THR D 134 -31.09 1.42 13.53
C THR D 134 -31.01 0.00 14.09
N ILE D 135 -29.87 -0.33 14.69
CA ILE D 135 -29.66 -1.64 15.32
C ILE D 135 -28.97 -1.46 16.66
N PRO D 136 -28.91 -2.53 17.45
CA PRO D 136 -28.26 -2.45 18.77
C PRO D 136 -26.80 -2.05 18.62
N PHE D 137 -26.39 -1.00 19.32
CA PHE D 137 -25.00 -0.55 19.27
C PHE D 137 -24.37 -0.69 20.65
N ILE D 138 -23.58 -1.73 20.84
CA ILE D 138 -22.92 -1.98 22.12
C ILE D 138 -21.46 -1.54 22.14
N TYR D 139 -21.01 -0.98 23.25
CA TYR D 139 -19.63 -0.54 23.38
C TYR D 139 -19.05 -0.91 24.73
N GLY D 140 -18.04 -1.77 24.72
CA GLY D 140 -17.40 -2.19 25.95
C GLY D 140 -16.27 -1.24 26.30
N ASP D 141 -15.60 -1.49 27.44
CA ASP D 141 -14.51 -0.63 27.87
C ASP D 141 -13.28 -1.40 28.32
N ALA D 142 -12.14 -1.10 27.70
CA ALA D 142 -10.89 -1.79 28.01
C ALA D 142 -10.01 -1.08 29.04
N VAL D 143 -10.36 0.16 29.40
CA VAL D 143 -9.57 0.89 30.37
C VAL D 143 -9.24 0.02 31.58
N PRO D 144 -10.23 -0.73 32.10
CA PRO D 144 -10.01 -1.59 33.25
C PRO D 144 -8.89 -2.62 33.04
N LYS D 145 -8.84 -3.24 31.86
CA LYS D 145 -7.80 -4.23 31.59
C LYS D 145 -6.45 -3.52 31.54
N LEU D 146 -6.46 -2.27 31.13
CA LEU D 146 -5.23 -1.47 31.07
C LEU D 146 -4.80 -1.13 32.48
N ALA D 147 -5.75 -0.69 33.31
CA ALA D 147 -5.49 -0.34 34.70
C ALA D 147 -4.87 -1.56 35.39
N GLU D 148 -5.48 -2.72 35.18
CA GLU D 148 -4.98 -3.94 35.77
C GLU D 148 -3.55 -4.29 35.33
N TYR D 149 -3.24 -4.07 34.06
CA TYR D 149 -1.91 -4.38 33.55
C TYR D 149 -0.81 -3.66 34.32
N VAL D 150 -1.02 -2.36 34.56
CA VAL D 150 -0.03 -1.53 35.24
C VAL D 150 -0.08 -1.49 36.75
N LYS D 151 -1.21 -1.88 37.34
CA LYS D 151 -1.34 -1.85 38.80
C LYS D 151 -0.18 -2.61 39.43
N ASP D 152 0.29 -3.59 38.69
CA ASP D 152 1.39 -4.44 39.10
C ASP D 152 2.73 -3.71 39.09
N LYS D 153 2.94 -2.79 38.14
CA LYS D 153 4.22 -2.11 38.03
C LYS D 153 4.30 -0.60 38.30
N LEU D 154 3.47 -0.09 39.20
CA LEU D 154 3.53 1.34 39.54
C LEU D 154 3.30 1.56 41.03
N ASN D 155 4.35 2.06 41.70
CA ASN D 155 4.34 2.32 43.13
C ASN D 155 3.41 3.51 43.48
N ASP D 156 2.25 3.20 44.07
CA ASP D 156 1.26 4.20 44.43
C ASP D 156 1.31 5.39 43.48
N PRO D 157 0.66 5.26 42.31
CA PRO D 157 0.68 6.36 41.35
C PRO D 157 -0.57 7.20 41.38
N ILE D 158 -0.65 8.11 40.41
CA ILE D 158 -1.80 8.97 40.22
C ILE D 158 -2.19 8.79 38.74
N VAL D 159 -3.48 8.63 38.49
CA VAL D 159 -3.96 8.46 37.13
C VAL D 159 -4.19 9.83 36.53
N LEU D 160 -3.76 10.03 35.29
CA LEU D 160 -3.94 11.33 34.62
C LEU D 160 -4.55 11.22 33.24
N ALA D 161 -5.50 12.09 32.95
CA ALA D 161 -6.13 12.12 31.63
C ALA D 161 -5.45 13.28 30.92
N PRO D 162 -4.79 13.00 29.77
CA PRO D 162 -4.10 14.03 28.99
C PRO D 162 -4.93 15.30 28.82
N ASP D 163 -6.19 15.15 28.43
CA ASP D 163 -7.09 16.29 28.27
C ASP D 163 -8.35 16.07 29.11
N LYS D 164 -9.05 17.16 29.41
CA LYS D 164 -10.25 17.07 30.23
C LYS D 164 -11.27 16.04 29.71
N GLY D 165 -11.27 15.82 28.39
CA GLY D 165 -12.20 14.86 27.80
C GLY D 165 -11.88 13.39 28.04
N ALA D 166 -10.65 13.12 28.46
CA ALA D 166 -10.21 11.76 28.74
C ALA D 166 -10.34 11.48 30.24
N LEU D 167 -10.91 12.44 30.97
CA LEU D 167 -11.08 12.32 32.41
C LEU D 167 -11.75 11.01 32.83
N GLU D 168 -12.84 10.67 32.13
CA GLU D 168 -13.58 9.45 32.43
C GLU D 168 -12.70 8.19 32.51
N PHE D 169 -11.74 8.10 31.60
CA PHE D 169 -10.83 6.96 31.56
C PHE D 169 -9.94 6.98 32.79
N ALA D 170 -9.45 8.17 33.12
CA ALA D 170 -8.59 8.38 34.27
C ALA D 170 -9.29 7.89 35.53
N LYS D 171 -10.52 8.37 35.71
CA LYS D 171 -11.31 7.99 36.87
C LYS D 171 -11.47 6.47 36.94
N THR D 172 -11.92 5.88 35.84
CA THR D 172 -12.12 4.43 35.77
C THR D 172 -10.89 3.69 36.24
N ALA D 173 -9.74 4.00 35.66
CA ALA D 173 -8.49 3.34 36.04
C ALA D 173 -8.19 3.65 37.50
N SER D 174 -8.49 4.88 37.89
CA SER D 174 -8.26 5.39 39.24
C SER D 174 -8.91 4.45 40.25
N LYS D 175 -10.14 4.08 39.97
CA LYS D 175 -10.90 3.20 40.84
C LYS D 175 -10.20 1.84 41.04
N ILE D 176 -9.78 1.21 39.95
CA ILE D 176 -9.12 -0.09 39.99
C ILE D 176 -7.73 -0.07 40.63
N LEU D 177 -7.15 1.11 40.76
CA LEU D 177 -5.81 1.25 41.33
C LEU D 177 -5.86 1.92 42.72
N ASN D 178 -7.06 2.37 43.09
CA ASN D 178 -7.29 3.04 44.37
C ASN D 178 -6.51 4.34 44.49
N ALA D 179 -5.94 4.78 43.36
CA ALA D 179 -5.18 6.02 43.32
C ALA D 179 -6.11 7.19 43.07
N GLU D 180 -5.54 8.39 43.03
CA GLU D 180 -6.31 9.60 42.79
C GLU D 180 -6.17 9.92 41.32
N TYR D 181 -7.19 10.55 40.75
CA TYR D 181 -7.08 10.89 39.34
C TYR D 181 -7.15 12.40 39.17
N ASP D 182 -7.08 12.83 37.91
CA ASP D 182 -7.11 14.26 37.60
C ASP D 182 -6.78 14.38 36.12
N TYR D 183 -6.77 15.60 35.60
CA TYR D 183 -6.47 15.81 34.20
C TYR D 183 -5.60 17.03 33.98
N LEU D 184 -4.92 17.09 32.84
CA LEU D 184 -4.08 18.24 32.54
C LEU D 184 -4.98 19.29 31.93
N GLU D 185 -4.70 20.57 32.22
CA GLU D 185 -5.51 21.65 31.69
C GLU D 185 -4.66 22.74 31.07
N ILE D 196 -0.04 24.81 31.02
CA ILE D 196 -0.51 23.43 31.12
C ILE D 196 0.03 22.75 32.37
N ALA D 197 -0.87 22.12 33.13
CA ALA D 197 -0.50 21.40 34.35
C ALA D 197 -1.74 20.70 34.91
N PRO D 198 -1.54 19.74 35.83
CA PRO D 198 -2.69 19.05 36.39
C PRO D 198 -3.62 19.98 37.18
N LYS D 199 -4.89 19.96 36.79
CA LYS D 199 -5.93 20.78 37.39
C LYS D 199 -5.90 20.81 38.92
N THR D 200 -5.38 19.76 39.55
CA THR D 200 -5.32 19.68 41.00
C THR D 200 -4.02 19.06 41.51
N LEU D 201 -3.99 17.73 41.58
CA LEU D 201 -2.83 16.98 42.05
C LEU D 201 -1.49 17.50 41.51
N ASP D 202 -0.40 17.03 42.11
CA ASP D 202 0.94 17.42 41.68
C ASP D 202 1.80 16.17 41.45
N ALA D 203 2.50 16.16 40.32
CA ALA D 203 3.35 15.02 39.95
C ALA D 203 4.63 14.85 40.76
N LYS D 204 5.06 15.91 41.41
CA LYS D 204 6.30 15.87 42.20
C LYS D 204 6.54 14.53 42.91
N ASP D 205 7.67 13.92 42.56
CA ASP D 205 8.15 12.63 43.11
C ASP D 205 7.18 11.44 43.09
N ARG D 206 6.22 11.43 42.17
CA ARG D 206 5.28 10.32 42.11
C ARG D 206 5.26 9.54 40.79
N ASP D 207 4.84 8.27 40.84
CA ASP D 207 4.73 7.45 39.64
C ASP D 207 3.43 7.90 38.97
N VAL D 208 3.42 7.95 37.64
CA VAL D 208 2.22 8.41 36.94
C VAL D 208 1.71 7.47 35.86
N PHE D 209 0.39 7.29 35.84
CA PHE D 209 -0.26 6.45 34.85
C PHE D 209 -1.20 7.33 34.03
N ILE D 210 -0.80 7.62 32.79
CA ILE D 210 -1.62 8.45 31.89
C ILE D 210 -2.38 7.53 30.96
N VAL D 211 -3.70 7.65 30.95
CA VAL D 211 -4.51 6.82 30.08
C VAL D 211 -5.39 7.71 29.20
N ASP D 212 -5.56 7.30 27.95
CA ASP D 212 -6.38 8.04 26.98
C ASP D 212 -6.95 6.96 26.07
N ASP D 213 -7.95 7.27 25.25
CA ASP D 213 -8.50 6.24 24.39
C ASP D 213 -7.64 5.95 23.16
N ILE D 214 -7.03 6.99 22.57
CA ILE D 214 -6.19 6.79 21.40
C ILE D 214 -4.88 7.57 21.47
N ILE D 215 -3.84 6.98 20.88
CA ILE D 215 -2.53 7.63 20.75
C ILE D 215 -2.24 7.49 19.26
N SER D 216 -2.43 8.58 18.52
CA SER D 216 -2.22 8.58 17.07
C SER D 216 -0.81 9.02 16.69
N THR D 217 -0.59 10.33 16.62
CA THR D 217 0.72 10.86 16.27
C THR D 217 1.61 10.83 17.51
N GLY D 218 0.97 10.85 18.68
CA GLY D 218 1.69 10.82 19.94
C GLY D 218 1.97 12.18 20.52
N GLY D 219 1.49 13.24 19.86
CA GLY D 219 1.71 14.59 20.34
C GLY D 219 1.06 14.92 21.66
N THR D 220 -0.14 14.39 21.88
CA THR D 220 -0.85 14.63 23.13
C THR D 220 -0.06 14.08 24.32
N MET D 221 0.30 12.81 24.27
CA MET D 221 1.07 12.17 25.35
C MET D 221 2.49 12.74 25.47
N ALA D 222 3.20 12.82 24.35
CA ALA D 222 4.57 13.33 24.37
C ALA D 222 4.62 14.60 25.22
N THR D 223 3.62 15.45 25.04
CA THR D 223 3.49 16.70 25.77
C THR D 223 3.30 16.46 27.26
N ALA D 224 2.28 15.68 27.59
CA ALA D 224 2.01 15.36 28.97
C ALA D 224 3.27 14.78 29.61
N VAL D 225 3.85 13.77 28.98
CA VAL D 225 5.06 13.15 29.51
C VAL D 225 6.20 14.13 29.76
N LYS D 226 6.56 14.89 28.74
CA LYS D 226 7.65 15.85 28.90
C LYS D 226 7.40 16.76 30.10
N LEU D 227 6.20 17.34 30.15
CA LEU D 227 5.83 18.23 31.23
C LEU D 227 5.95 17.56 32.60
N LEU D 228 5.17 16.50 32.82
CA LEU D 228 5.18 15.77 34.08
C LEU D 228 6.60 15.46 34.55
N LYS D 229 7.49 15.13 33.62
CA LYS D 229 8.87 14.85 33.99
C LYS D 229 9.50 16.13 34.55
N GLU D 230 9.27 17.25 33.86
CA GLU D 230 9.82 18.56 34.25
C GLU D 230 9.25 18.96 35.63
N GLN D 231 8.13 18.35 35.99
CA GLN D 231 7.48 18.62 37.28
C GLN D 231 8.00 17.64 38.34
N GLY D 232 9.00 16.85 37.96
CA GLY D 232 9.59 15.88 38.87
C GLY D 232 8.85 14.56 39.07
N ALA D 233 8.07 14.13 38.08
CA ALA D 233 7.36 12.87 38.20
C ALA D 233 8.41 11.78 38.11
N LYS D 234 8.09 10.59 38.63
CA LYS D 234 9.05 9.50 38.58
C LYS D 234 8.78 8.51 37.42
N LYS D 235 8.33 7.31 37.73
CA LYS D 235 8.05 6.31 36.69
C LYS D 235 6.71 6.61 36.02
N ILE D 236 6.73 6.81 34.71
CA ILE D 236 5.51 7.10 33.96
C ILE D 236 5.17 6.03 32.91
N ILE D 237 3.91 5.58 32.91
CA ILE D 237 3.47 4.59 31.94
C ILE D 237 2.26 5.15 31.21
N ALA D 238 2.33 5.15 29.89
CA ALA D 238 1.24 5.65 29.07
C ALA D 238 0.47 4.50 28.46
N ALA D 239 -0.85 4.52 28.61
CA ALA D 239 -1.67 3.46 28.07
C ALA D 239 -2.81 4.05 27.24
N CYS D 240 -3.35 3.23 26.35
CA CYS D 240 -4.46 3.65 25.51
C CYS D 240 -5.14 2.41 24.98
N VAL D 241 -6.41 2.52 24.63
CA VAL D 241 -7.13 1.37 24.13
C VAL D 241 -6.65 1.04 22.72
N HIS D 242 -6.65 2.05 21.85
CA HIS D 242 -6.24 1.87 20.47
C HIS D 242 -4.88 2.51 20.16
N PRO D 243 -3.82 1.69 20.07
CA PRO D 243 -2.47 2.20 19.79
C PRO D 243 -2.17 2.42 18.30
N VAL D 244 -2.83 3.42 17.70
CA VAL D 244 -2.60 3.71 16.28
C VAL D 244 -1.11 3.98 16.06
N LEU D 245 -0.51 4.70 16.99
CA LEU D 245 0.91 5.04 16.97
C LEU D 245 1.51 5.25 15.58
N ILE D 246 1.11 6.33 14.91
CA ILE D 246 1.60 6.63 13.58
C ILE D 246 3.05 7.06 13.53
N GLY D 247 3.75 6.59 12.51
CA GLY D 247 5.15 6.95 12.31
C GLY D 247 6.09 6.74 13.47
N ASP D 248 6.71 7.83 13.92
CA ASP D 248 7.66 7.77 15.02
C ASP D 248 7.04 8.05 16.38
N ALA D 249 5.72 7.91 16.48
CA ALA D 249 5.00 8.15 17.71
C ALA D 249 5.68 7.51 18.92
N LEU D 250 6.00 6.24 18.84
CA LEU D 250 6.64 5.56 19.95
C LEU D 250 7.97 6.16 20.33
N ASN D 251 8.83 6.35 19.34
CA ASN D 251 10.14 6.94 19.59
C ASN D 251 9.96 8.30 20.26
N LYS D 252 8.89 9.00 19.89
CA LYS D 252 8.59 10.30 20.43
C LYS D 252 8.35 10.20 21.94
N LEU D 253 7.50 9.26 22.35
CA LEU D 253 7.16 9.05 23.76
C LEU D 253 8.34 8.53 24.56
N TYR D 254 9.09 7.60 23.99
CA TYR D 254 10.24 7.04 24.67
C TYR D 254 11.27 8.14 24.99
N SER D 255 11.47 9.07 24.06
CA SER D 255 12.41 10.16 24.25
C SER D 255 11.88 11.08 25.35
N ALA D 256 10.58 11.31 25.31
CA ALA D 256 9.94 12.17 26.30
C ALA D 256 10.20 11.62 27.69
N GLY D 257 10.53 10.34 27.77
CA GLY D 257 10.84 9.74 29.06
C GLY D 257 9.92 8.69 29.62
N VAL D 258 8.87 8.30 28.90
CA VAL D 258 7.98 7.27 29.42
C VAL D 258 8.79 6.03 29.74
N GLU D 259 8.31 5.27 30.72
CA GLU D 259 8.96 4.04 31.16
C GLU D 259 8.46 2.91 30.26
N GLU D 260 7.21 3.03 29.85
CA GLU D 260 6.59 2.04 28.98
C GLU D 260 5.32 2.61 28.35
N VAL D 261 4.99 2.08 27.18
CA VAL D 261 3.77 2.45 26.46
C VAL D 261 3.04 1.12 26.31
N VAL D 262 1.73 1.12 26.58
CA VAL D 262 0.98 -0.10 26.48
C VAL D 262 -0.42 0.13 25.91
N GLY D 263 -0.81 -0.69 24.94
CA GLY D 263 -2.11 -0.59 24.31
C GLY D 263 -2.75 -1.96 24.19
N THR D 264 -4.00 -2.04 23.74
CA THR D 264 -4.68 -3.33 23.60
C THR D 264 -4.56 -3.89 22.18
N ASP D 265 -5.22 -5.00 21.94
CA ASP D 265 -5.17 -5.63 20.63
C ASP D 265 -6.37 -5.30 19.74
N THR D 266 -6.90 -4.10 19.88
CA THR D 266 -8.01 -3.67 19.06
C THR D 266 -7.37 -3.10 17.80
N TYR D 267 -6.09 -2.80 17.88
CA TYR D 267 -5.33 -2.22 16.77
C TYR D 267 -3.90 -2.76 16.93
N LEU D 268 -3.43 -3.48 15.93
CA LEU D 268 -2.10 -4.05 16.01
C LEU D 268 -0.99 -3.02 16.06
N SER D 269 -0.13 -3.16 17.06
CA SER D 269 1.02 -2.27 17.25
C SER D 269 2.11 -3.05 17.95
N GLU D 270 3.27 -2.44 18.13
CA GLU D 270 4.38 -3.12 18.80
C GLU D 270 4.17 -3.14 20.31
N VAL D 271 3.08 -2.55 20.79
CA VAL D 271 2.81 -2.51 22.21
C VAL D 271 1.40 -2.92 22.57
N SER D 272 0.83 -3.81 21.77
CA SER D 272 -0.52 -4.31 22.01
C SER D 272 -0.40 -5.47 22.98
N LYS D 273 0.06 -5.18 24.20
CA LYS D 273 0.26 -6.19 25.23
C LYS D 273 -1.01 -6.63 25.95
N VAL D 274 -2.06 -5.81 25.95
CA VAL D 274 -3.30 -6.18 26.65
C VAL D 274 -4.41 -6.58 25.68
N SER D 275 -5.12 -7.66 26.00
CA SER D 275 -6.19 -8.16 25.14
C SER D 275 -7.59 -7.79 25.60
N VAL D 276 -8.49 -7.55 24.64
CA VAL D 276 -9.87 -7.18 24.96
C VAL D 276 -10.80 -8.38 24.79
N ALA D 277 -10.21 -9.55 24.60
CA ALA D 277 -10.97 -10.76 24.40
C ALA D 277 -12.11 -10.94 25.39
N GLU D 278 -11.79 -10.78 26.67
CA GLU D 278 -12.77 -10.94 27.72
C GLU D 278 -13.80 -9.82 27.75
N VAL D 279 -13.36 -8.60 27.42
CA VAL D 279 -14.26 -7.46 27.40
C VAL D 279 -15.35 -7.74 26.37
N ILE D 280 -14.94 -8.36 25.27
CA ILE D 280 -15.84 -8.70 24.19
C ILE D 280 -16.78 -9.82 24.60
N VAL D 281 -16.22 -10.91 25.13
CA VAL D 281 -17.04 -12.04 25.54
C VAL D 281 -18.18 -11.62 26.48
N ASP D 282 -17.92 -10.73 27.42
CA ASP D 282 -18.97 -10.31 28.33
C ASP D 282 -20.05 -9.48 27.69
N LEU D 283 -19.83 -9.03 26.46
CA LEU D 283 -20.82 -8.20 25.79
C LEU D 283 -21.69 -9.03 24.88
N LEU D 284 -21.27 -10.27 24.65
CA LEU D 284 -22.03 -11.18 23.78
C LEU D 284 -23.19 -11.81 24.55
C1 R5P E . 11.71 -24.65 6.37
O1 R5P E . 12.69 -25.23 5.96
C2 R5P E . 10.83 -23.90 5.40
O2 R5P E . 11.63 -22.89 4.75
C3 R5P E . 9.62 -23.21 6.12
O3 R5P E . 8.87 -24.31 6.75
C4 R5P E . 8.72 -22.46 5.10
O4 R5P E . 9.45 -21.40 4.52
C5 R5P E . 7.38 -21.92 5.71
O5 R5P E . 6.43 -21.52 4.71
P R5P E . 4.82 -21.71 4.84
O1P R5P E . 4.36 -21.34 6.32
O2P R5P E . 4.17 -20.75 3.78
O3P R5P E . 4.40 -23.09 4.59
C1 R5P F . 9.56 25.03 -8.52
O1 R5P F . 10.58 25.65 -8.31
C2 R5P F . 8.91 24.26 -7.39
O2 R5P F . 9.86 23.29 -6.89
C3 R5P F . 7.62 23.52 -7.88
O3 R5P F . 6.73 24.59 -8.34
C4 R5P F . 6.94 22.74 -6.70
O4 R5P F . 7.79 21.71 -6.26
C5 R5P F . 5.54 22.16 -7.05
O5 R5P F . 4.83 21.75 -5.89
P R5P F . 3.24 21.89 -5.66
O1P R5P F . 2.47 21.52 -7.02
O2P R5P F . 2.86 20.91 -4.49
O3P R5P F . 2.84 23.27 -5.29
P AMP G . 14.54 -23.13 -0.29
O1P AMP G . 15.15 -24.43 -0.61
O2P AMP G . 15.56 -22.11 0.20
O3P AMP G . 13.37 -23.23 0.76
O5' AMP G . 13.95 -22.68 -1.77
C5' AMP G . 13.29 -21.40 -1.71
C4' AMP G . 12.51 -21.04 -3.02
O4' AMP G . 11.88 -19.78 -2.56
C3' AMP G . 13.38 -20.60 -4.41
O3' AMP G . 12.55 -21.05 -5.59
C2' AMP G . 13.40 -19.01 -4.28
O2' AMP G . 13.41 -18.32 -5.51
C1' AMP G . 12.05 -18.71 -3.48
N9 AMP G . 11.98 -17.44 -2.70
C8 AMP G . 12.94 -16.42 -2.57
N7 AMP G . 12.60 -15.36 -1.82
C5 AMP G . 11.33 -15.76 -1.43
C6 AMP G . 10.32 -15.13 -0.62
N6 AMP G . 10.63 -13.90 -0.08
N1 AMP G . 9.10 -15.81 -0.43
C2 AMP G . 8.82 -17.01 -0.97
N3 AMP G . 9.72 -17.67 -1.77
C4 AMP G . 10.91 -17.01 -1.96
P AMP H . 13.70 23.65 -2.57
O1P AMP H . 14.34 24.97 -2.38
O2P AMP H . 14.63 22.65 -3.25
O3P AMP H . 12.36 23.70 -3.35
O5' AMP H . 13.42 23.19 -1.01
C5' AMP H . 12.80 21.89 -0.93
C4' AMP H . 12.32 21.53 0.50
O4' AMP H . 11.66 20.25 0.18
C3' AMP H . 13.44 21.11 1.70
O3' AMP H . 12.83 21.54 3.01
C2' AMP H . 13.49 19.53 1.57
O2' AMP H . 13.75 18.87 2.79
C1' AMP H . 12.03 19.19 1.06
N9 AMP H . 11.84 17.90 0.33
C8 AMP H . 12.79 16.89 0.02
N7 AMP H . 12.34 15.83 -0.64
C5 AMP H . 11.00 16.18 -0.77
C6 AMP H . 9.87 15.52 -1.37
N6 AMP H . 10.11 14.30 -1.96
N1 AMP H . 8.63 16.16 -1.32
C2 AMP H . 8.42 17.38 -0.73
N3 AMP H . 9.44 18.06 -0.13
C4 AMP H . 10.66 17.44 -0.18
C1 R5P I . -12.54 -13.25 -21.18
O1 R5P I . -13.55 -13.93 -21.27
C2 R5P I . -11.66 -13.41 -19.97
O2 R5P I . -12.45 -13.10 -18.79
C3 R5P I . -10.42 -12.47 -20.05
O3 R5P I . -9.70 -12.87 -21.26
C4 R5P I . -9.50 -12.64 -18.82
O4 R5P I . -10.19 -12.24 -17.66
C5 R5P I . -8.14 -11.87 -18.93
O5 R5P I . -7.19 -12.27 -17.93
P R5P I . -5.59 -12.41 -18.16
O1P R5P I . -5.05 -11.15 -19.00
O2P R5P I . -4.94 -12.46 -16.73
O3P R5P I . -5.23 -13.64 -18.92
P AMP J . -12.80 16.14 18.02
O1P AMP J . -13.40 17.26 18.75
O2P AMP J . -13.77 14.96 17.87
O3P AMP J . -11.46 15.63 18.64
O5' AMP J . -12.54 16.85 16.55
C5' AMP J . -11.96 15.91 15.61
C4' AMP J . -11.47 16.58 14.30
O4' AMP J . -10.89 15.38 13.69
C3' AMP J . -12.61 17.13 13.17
O3' AMP J . -11.99 18.32 12.49
C2' AMP J . -12.71 15.87 12.20
O2' AMP J . -12.98 16.22 10.86
C1' AMP J . -11.26 15.21 12.33
N9 AMP J . -11.12 13.76 12.00
C8 AMP J . -12.10 12.86 11.57
N7 AMP J . -11.71 11.61 11.34
C5 AMP J . -10.35 11.73 11.65
C6 AMP J . -9.27 10.79 11.63
N6 AMP J . -9.55 9.51 11.23
N1 AMP J . -7.99 11.26 12.01
C2 AMP J . -7.74 12.53 12.39
N3 AMP J . -8.73 13.47 12.43
C4 AMP J . -9.98 13.03 12.07
C1 R5P K . -8.77 12.94 23.31
O1 R5P K . -9.75 13.60 23.58
C2 R5P K . -8.14 13.10 21.96
O2 R5P K . -9.11 12.76 20.94
C3 R5P K . -6.87 12.20 21.80
O3 R5P K . -5.96 12.64 22.87
C4 R5P K . -6.20 12.39 20.40
O4 R5P K . -7.08 11.96 19.38
C5 R5P K . -4.82 11.67 20.25
O5 R5P K . -4.09 12.16 19.13
P R5P K . -2.48 12.34 19.06
O1P R5P K . -1.75 11.13 19.78
O2P R5P K . -2.10 12.42 17.52
O3P R5P K . -2.02 13.57 19.73
P AMP L . -15.39 -16.57 -15.26
O1P AMP L . -16.06 -17.72 -15.89
O2P AMP L . -16.37 -15.43 -14.94
O3P AMP L . -14.23 -15.99 -16.10
O5' AMP L . -14.80 -17.25 -13.89
C5' AMP L . -14.09 -16.31 -13.06
C4' AMP L . -13.34 -16.97 -11.88
O4' AMP L . -12.68 -15.75 -11.36
C3' AMP L . -14.20 -17.55 -10.52
O3' AMP L . -13.40 -18.70 -9.98
C2' AMP L . -14.18 -16.30 -9.56
O2' AMP L . -14.16 -16.64 -8.18
C1' AMP L . -12.81 -15.59 -9.95
N9 AMP L . -12.68 -14.15 -9.66
C8 AMP L . -13.59 -13.28 -9.05
N7 AMP L . -13.20 -12.00 -8.89
C5 AMP L . -11.92 -12.07 -9.45
C6 AMP L . -10.89 -11.09 -9.63
N6 AMP L . -11.14 -9.81 -9.20
N1 AMP L . -9.68 -11.51 -10.25
C2 AMP L . -9.46 -12.78 -10.66
N3 AMP L . -10.40 -13.76 -10.52
C4 AMP L . -11.58 -13.37 -9.92
#